data_1VJK
# 
_entry.id   1VJK 
# 
_audit.revision_id     1 
_audit.creation_date   2004-03-08 
_audit.update_record   'initial release' 
# 
_audit_conform.dict_name       mmcif_pdbx.dic 
_audit_conform.dict_version    5.383 
_audit_conform.dict_location   http://mmcif.pdb.org/dictionaries/ascii/mmcif_pdbx.dic 
# 
loop_
_database_2.database_id 
_database_2.database_code 
_database_2.pdbx_database_accession 
_database_2.pdbx_DOI 
PDB   1VJK         pdb_00001vjk 10.2210/pdb1vjk/pdb 
RCSB  RCSB001921   ?            ?                   
WWPDB D_1000001921 ?            ?                   
# 
loop_
_pdbx_audit_revision_history.ordinal 
_pdbx_audit_revision_history.data_content_type 
_pdbx_audit_revision_history.major_revision 
_pdbx_audit_revision_history.minor_revision 
_pdbx_audit_revision_history.revision_date 
1 'Structure model' 1 0 2004-08-10 
2 'Structure model' 1 1 2008-04-26 
3 'Structure model' 1 2 2011-07-13 
4 'Structure model' 1 3 2017-10-04 
5 'Structure model' 1 4 2023-12-27 
# 
_pdbx_audit_revision_details.ordinal             1 
_pdbx_audit_revision_details.revision_ordinal    1 
_pdbx_audit_revision_details.data_content_type   'Structure model' 
_pdbx_audit_revision_details.provider            repository 
_pdbx_audit_revision_details.type                'Initial release' 
_pdbx_audit_revision_details.description         ? 
_pdbx_audit_revision_details.details             ? 
# 
loop_
_pdbx_audit_revision_group.ordinal 
_pdbx_audit_revision_group.revision_ordinal 
_pdbx_audit_revision_group.data_content_type 
_pdbx_audit_revision_group.group 
1 2 'Structure model' 'Version format compliance' 
2 3 'Structure model' Advisory                    
3 3 'Structure model' 'Version format compliance' 
4 4 'Structure model' 'Refinement description'    
5 5 'Structure model' 'Data collection'           
6 5 'Structure model' 'Database references'       
# 
loop_
_pdbx_audit_revision_category.ordinal 
_pdbx_audit_revision_category.revision_ordinal 
_pdbx_audit_revision_category.data_content_type 
_pdbx_audit_revision_category.category 
1 4 'Structure model' software           
2 5 'Structure model' chem_comp_atom     
3 5 'Structure model' chem_comp_bond     
4 5 'Structure model' database_2         
5 5 'Structure model' struct_ref_seq_dif 
# 
loop_
_pdbx_audit_revision_item.ordinal 
_pdbx_audit_revision_item.revision_ordinal 
_pdbx_audit_revision_item.data_content_type 
_pdbx_audit_revision_item.item 
1  4 'Structure model' '_software.classification'            
2  4 'Structure model' '_software.contact_author'            
3  4 'Structure model' '_software.contact_author_email'      
4  4 'Structure model' '_software.date'                      
5  4 'Structure model' '_software.language'                  
6  4 'Structure model' '_software.location'                  
7  4 'Structure model' '_software.name'                      
8  4 'Structure model' '_software.type'                      
9  4 'Structure model' '_software.version'                   
10 5 'Structure model' '_database_2.pdbx_DOI'                
11 5 'Structure model' '_database_2.pdbx_database_accession' 
12 5 'Structure model' '_struct_ref_seq_dif.details'         
# 
_pdbx_database_status.entry_id                        1VJK 
_pdbx_database_status.status_code                     REL 
_pdbx_database_status.deposit_site                    RCSB 
_pdbx_database_status.process_site                    RCSB 
_pdbx_database_status.recvd_initial_deposition_date   2004-03-10 
_pdbx_database_status.SG_entry                        Y 
_pdbx_database_status.status_code_sf                  REL 
_pdbx_database_status.pdb_format_compatible           Y 
_pdbx_database_status.status_code_mr                  ? 
_pdbx_database_status.status_code_cs                  ? 
_pdbx_database_status.methods_development_category    ? 
_pdbx_database_status.status_code_nmr_data            ? 
# 
_pdbx_database_related.db_name        TargetDB 
_pdbx_database_related.db_id          Pfu-562899-001 
_pdbx_database_related.details        . 
_pdbx_database_related.content_type   unspecified 
# 
loop_
_audit_author.name 
_audit_author.pdbx_ordinal 
'Chen, L.'                                                1  
'Liu, Z.J.'                                               2  
'Tempel, W.'                                              3  
'Shah, A.'                                                4  
'Lee, D.'                                                 5  
'Rose, J.P.'                                              6  
'Eneh, J.C.'                                              7  
'Hopkins, R.C.'                                           8  
'Jenney Jr., F.E.'                                        9  
'Lee, H.S.'                                               10 
'Li, T.'                                                  11 
'Poole II, F.L.'                                          12 
'Shah, C.'                                                13 
'Sugar, F.J.'                                             14 
'Adams, M.W.W.'                                           15 
'Richardson, D.C.'                                        16 
'Richardson, J.S.'                                        17 
'Wang, B.C.'                                              18 
'Southeast Collaboratory for Structural Genomics (SECSG)' 19 
# 
_citation.id                        primary 
_citation.title                     
;Putative molybdopterin converting factor, subunit 1 from Pyrococcus furiosus, Pfu-562899-001 '
;
_citation.journal_abbrev            'To be published' 
_citation.journal_volume            ? 
_citation.page_first                ? 
_citation.page_last                 ? 
_citation.year                      ? 
_citation.journal_id_ASTM           ? 
_citation.country                   ? 
_citation.journal_id_ISSN           ? 
_citation.journal_id_CSD            0353 
_citation.book_publisher            ? 
_citation.pdbx_database_id_PubMed   ? 
_citation.pdbx_database_id_DOI      ? 
# 
loop_
_citation_author.citation_id 
_citation_author.name 
_citation_author.ordinal 
_citation_author.identifier_ORCID 
primary 'Chen, L.'                                        1  ? 
primary 'Liu, Z.J.'                                       2  ? 
primary 'Tempel, W.'                                      3  ? 
primary 'Shah, A.'                                        4  ? 
primary 'Lee, D.'                                         5  ? 
primary 'Rose, J.P.'                                      6  ? 
primary 'ENEH, J.C.'                                      7  ? 
primary 'HOPKINS, R.C.'                                   8  ? 
primary 'JENNEY JR., F.E.'                                9  ? 
primary 'LEE, H.S.'                                       10 ? 
primary 'Li, T.'                                          11 ? 
primary 'POOLE II, F.L.'                                  12 ? 
primary 'SHAH, C.'                                        13 ? 
primary 'SUGAR, F.J.'                                     14 ? 
primary 'ADAMS, M.W.W.'                                   15 ? 
primary 'Richardson, D.C.'                                16 ? 
primary 'Richardson, J.S.'                                17 ? 
primary 'Wang, B.C.'                                      18 ? 
primary 'Southeast Collaboratory for Structural Genomics' 19 ? 
# 
loop_
_entity.id 
_entity.type 
_entity.src_method 
_entity.pdbx_description 
_entity.formula_weight 
_entity.pdbx_number_of_molecules 
_entity.pdbx_ec 
_entity.pdbx_mutation 
_entity.pdbx_fragment 
_entity.details 
1 polymer man 'molybdopterin converting factor, subunit 1' 11201.399 1  ? ? ? ? 
2 water   nat water                                        18.015    67 ? ? ? ? 
# 
_entity_poly.entity_id                      1 
_entity_poly.type                           'polypeptide(L)' 
_entity_poly.nstd_linkage                   no 
_entity_poly.nstd_monomer                   no 
_entity_poly.pdbx_seq_one_letter_code       
;AHHHHHHGSVKVKVKYFARFRQLAGVDEEEIELPEGARVRDLIEEIKKRHEKFKEEVFGEGYDEDADVNIAVNGRYVSWD
EELKDGDVVGVFPPVSGG
;
_entity_poly.pdbx_seq_one_letter_code_can   
;AHHHHHHGSVKVKVKYFARFRQLAGVDEEEIELPEGARVRDLIEEIKKRHEKFKEEVFGEGYDEDADVNIAVNGRYVSWD
EELKDGDVVGVFPPVSGG
;
_entity_poly.pdbx_strand_id                 A 
_entity_poly.pdbx_target_identifier         Pfu-562899-001 
# 
_pdbx_entity_nonpoly.entity_id   2 
_pdbx_entity_nonpoly.name        water 
_pdbx_entity_nonpoly.comp_id     HOH 
# 
loop_
_entity_poly_seq.entity_id 
_entity_poly_seq.num 
_entity_poly_seq.mon_id 
_entity_poly_seq.hetero 
1 1  ALA n 
1 2  HIS n 
1 3  HIS n 
1 4  HIS n 
1 5  HIS n 
1 6  HIS n 
1 7  HIS n 
1 8  GLY n 
1 9  SER n 
1 10 VAL n 
1 11 LYS n 
1 12 VAL n 
1 13 LYS n 
1 14 VAL n 
1 15 LYS n 
1 16 TYR n 
1 17 PHE n 
1 18 ALA n 
1 19 ARG n 
1 20 PHE n 
1 21 ARG n 
1 22 GLN n 
1 23 LEU n 
1 24 ALA n 
1 25 GLY n 
1 26 VAL n 
1 27 ASP n 
1 28 GLU n 
1 29 GLU n 
1 30 GLU n 
1 31 ILE n 
1 32 GLU n 
1 33 LEU n 
1 34 PRO n 
1 35 GLU n 
1 36 GLY n 
1 37 ALA n 
1 38 ARG n 
1 39 VAL n 
1 40 ARG n 
1 41 ASP n 
1 42 LEU n 
1 43 ILE n 
1 44 GLU n 
1 45 GLU n 
1 46 ILE n 
1 47 LYS n 
1 48 LYS n 
1 49 ARG n 
1 50 HIS n 
1 51 GLU n 
1 52 LYS n 
1 53 PHE n 
1 54 LYS n 
1 55 GLU n 
1 56 GLU n 
1 57 VAL n 
1 58 PHE n 
1 59 GLY n 
1 60 GLU n 
1 61 GLY n 
1 62 TYR n 
1 63 ASP n 
1 64 GLU n 
1 65 ASP n 
1 66 ALA n 
1 67 ASP n 
1 68 VAL n 
1 69 ASN n 
1 70 ILE n 
1 71 ALA n 
1 72 VAL n 
1 73 ASN n 
1 74 GLY n 
1 75 ARG n 
1 76 TYR n 
1 77 VAL n 
1 78 SER n 
1 79 TRP n 
1 80 ASP n 
1 81 GLU n 
1 82 GLU n 
1 83 LEU n 
1 84 LYS n 
1 85 ASP n 
1 86 GLY n 
1 87 ASP n 
1 88 VAL n 
1 89 VAL n 
1 90 GLY n 
1 91 VAL n 
1 92 PHE n 
1 93 PRO n 
1 94 PRO n 
1 95 VAL n 
1 96 SER n 
1 97 GLY n 
1 98 GLY n 
# 
_entity_src_gen.entity_id                          1 
_entity_src_gen.pdbx_src_id                        1 
_entity_src_gen.pdbx_alt_source_flag               sample 
_entity_src_gen.pdbx_seq_type                      ? 
_entity_src_gen.pdbx_beg_seq_num                   ? 
_entity_src_gen.pdbx_end_seq_num                   ? 
_entity_src_gen.gene_src_common_name               ? 
_entity_src_gen.gene_src_genus                     Pyrococcus 
_entity_src_gen.pdbx_gene_src_gene                 ? 
_entity_src_gen.gene_src_species                   ? 
_entity_src_gen.gene_src_strain                    ? 
_entity_src_gen.gene_src_tissue                    ? 
_entity_src_gen.gene_src_tissue_fraction           ? 
_entity_src_gen.gene_src_details                   ? 
_entity_src_gen.pdbx_gene_src_fragment             ? 
_entity_src_gen.pdbx_gene_src_scientific_name      'Pyrococcus furiosus' 
_entity_src_gen.pdbx_gene_src_ncbi_taxonomy_id     2261 
_entity_src_gen.pdbx_gene_src_variant              ? 
_entity_src_gen.pdbx_gene_src_cell_line            ? 
_entity_src_gen.pdbx_gene_src_atcc                 ? 
_entity_src_gen.pdbx_gene_src_organ                ? 
_entity_src_gen.pdbx_gene_src_organelle            ? 
_entity_src_gen.pdbx_gene_src_cell                 ? 
_entity_src_gen.pdbx_gene_src_cellular_location    ? 
_entity_src_gen.host_org_common_name               ? 
_entity_src_gen.pdbx_host_org_scientific_name      'Escherichia coli' 
_entity_src_gen.pdbx_host_org_ncbi_taxonomy_id     562 
_entity_src_gen.host_org_genus                     Escherichia 
_entity_src_gen.pdbx_host_org_gene                 ? 
_entity_src_gen.pdbx_host_org_organ                ? 
_entity_src_gen.host_org_species                   ? 
_entity_src_gen.pdbx_host_org_tissue               ? 
_entity_src_gen.pdbx_host_org_tissue_fraction      ? 
_entity_src_gen.pdbx_host_org_strain               ? 
_entity_src_gen.pdbx_host_org_variant              ? 
_entity_src_gen.pdbx_host_org_cell_line            ? 
_entity_src_gen.pdbx_host_org_atcc                 ? 
_entity_src_gen.pdbx_host_org_culture_collection   ? 
_entity_src_gen.pdbx_host_org_cell                 ? 
_entity_src_gen.pdbx_host_org_organelle            ? 
_entity_src_gen.pdbx_host_org_cellular_location    ? 
_entity_src_gen.pdbx_host_org_vector_type          ? 
_entity_src_gen.pdbx_host_org_vector               ? 
_entity_src_gen.host_org_details                   ? 
_entity_src_gen.expression_system_id               ? 
_entity_src_gen.plasmid_name                       ? 
_entity_src_gen.plasmid_details                    ? 
_entity_src_gen.pdbx_description                   
;THE PROTEIN WAS CLONED, EXPRESSED AND PURIFIED BY THE SECSG PYROCOCCUS PROTEIN PRODUCTION GROUP (M.W.W.ADAMS, P.S.BRERETON, M.IZUMI, F.E.JENNEY JR., H.- S.LEE, F.L.POOLE II, C.SHAH, F.SUGAR) UNDER THE DIRECTION OF M.W.W.ADAMS.
;
# 
loop_
_chem_comp.id 
_chem_comp.type 
_chem_comp.mon_nstd_flag 
_chem_comp.name 
_chem_comp.pdbx_synonyms 
_chem_comp.formula 
_chem_comp.formula_weight 
ALA 'L-peptide linking' y ALANINE         ? 'C3 H7 N O2'     89.093  
ARG 'L-peptide linking' y ARGININE        ? 'C6 H15 N4 O2 1' 175.209 
ASN 'L-peptide linking' y ASPARAGINE      ? 'C4 H8 N2 O3'    132.118 
ASP 'L-peptide linking' y 'ASPARTIC ACID' ? 'C4 H7 N O4'     133.103 
GLN 'L-peptide linking' y GLUTAMINE       ? 'C5 H10 N2 O3'   146.144 
GLU 'L-peptide linking' y 'GLUTAMIC ACID' ? 'C5 H9 N O4'     147.129 
GLY 'peptide linking'   y GLYCINE         ? 'C2 H5 N O2'     75.067  
HIS 'L-peptide linking' y HISTIDINE       ? 'C6 H10 N3 O2 1' 156.162 
HOH non-polymer         . WATER           ? 'H2 O'           18.015  
ILE 'L-peptide linking' y ISOLEUCINE      ? 'C6 H13 N O2'    131.173 
LEU 'L-peptide linking' y LEUCINE         ? 'C6 H13 N O2'    131.173 
LYS 'L-peptide linking' y LYSINE          ? 'C6 H15 N2 O2 1' 147.195 
PHE 'L-peptide linking' y PHENYLALANINE   ? 'C9 H11 N O2'    165.189 
PRO 'L-peptide linking' y PROLINE         ? 'C5 H9 N O2'     115.130 
SER 'L-peptide linking' y SERINE          ? 'C3 H7 N O3'     105.093 
TRP 'L-peptide linking' y TRYPTOPHAN      ? 'C11 H12 N2 O2'  204.225 
TYR 'L-peptide linking' y TYROSINE        ? 'C9 H11 N O3'    181.189 
VAL 'L-peptide linking' y VALINE          ? 'C5 H11 N O2'    117.146 
# 
loop_
_pdbx_poly_seq_scheme.asym_id 
_pdbx_poly_seq_scheme.entity_id 
_pdbx_poly_seq_scheme.seq_id 
_pdbx_poly_seq_scheme.mon_id 
_pdbx_poly_seq_scheme.ndb_seq_num 
_pdbx_poly_seq_scheme.pdb_seq_num 
_pdbx_poly_seq_scheme.auth_seq_num 
_pdbx_poly_seq_scheme.pdb_mon_id 
_pdbx_poly_seq_scheme.auth_mon_id 
_pdbx_poly_seq_scheme.pdb_strand_id 
_pdbx_poly_seq_scheme.pdb_ins_code 
_pdbx_poly_seq_scheme.hetero 
A 1 1  ALA 1  -7 ?  ?   ?   A . n 
A 1 2  HIS 2  -6 ?  ?   ?   A . n 
A 1 3  HIS 3  -5 ?  ?   ?   A . n 
A 1 4  HIS 4  -4 ?  ?   ?   A . n 
A 1 5  HIS 5  -3 ?  ?   ?   A . n 
A 1 6  HIS 6  -2 ?  ?   ?   A . n 
A 1 7  HIS 7  -1 ?  ?   ?   A . n 
A 1 8  GLY 8  0  ?  ?   ?   A . n 
A 1 9  SER 9  1  1  SER SER A . n 
A 1 10 VAL 10 2  2  VAL VAL A . n 
A 1 11 LYS 11 3  3  LYS LYS A . n 
A 1 12 VAL 12 4  4  VAL VAL A . n 
A 1 13 LYS 13 5  5  LYS LYS A . n 
A 1 14 VAL 14 6  6  VAL VAL A . n 
A 1 15 LYS 15 7  7  LYS LYS A . n 
A 1 16 TYR 16 8  8  TYR TYR A . n 
A 1 17 PHE 17 9  9  PHE PHE A . n 
A 1 18 ALA 18 10 10 ALA ALA A . n 
A 1 19 ARG 19 11 11 ARG ARG A . n 
A 1 20 PHE 20 12 12 PHE PHE A . n 
A 1 21 ARG 21 13 13 ARG ARG A . n 
A 1 22 GLN 22 14 14 GLN GLN A . n 
A 1 23 LEU 23 15 15 LEU LEU A . n 
A 1 24 ALA 24 16 16 ALA ALA A . n 
A 1 25 GLY 25 17 17 GLY GLY A . n 
A 1 26 VAL 26 18 18 VAL VAL A . n 
A 1 27 ASP 27 19 19 ASP ASP A . n 
A 1 28 GLU 28 20 20 GLU GLU A . n 
A 1 29 GLU 29 21 21 GLU GLU A . n 
A 1 30 GLU 30 22 22 GLU GLU A . n 
A 1 31 ILE 31 23 23 ILE ILE A . n 
A 1 32 GLU 32 24 24 GLU GLU A . n 
A 1 33 LEU 33 25 25 LEU LEU A . n 
A 1 34 PRO 34 26 26 PRO PRO A . n 
A 1 35 GLU 35 27 27 GLU GLU A . n 
A 1 36 GLY 36 28 28 GLY GLY A . n 
A 1 37 ALA 37 29 29 ALA ALA A . n 
A 1 38 ARG 38 30 30 ARG ARG A . n 
A 1 39 VAL 39 31 31 VAL VAL A . n 
A 1 40 ARG 40 32 32 ARG ARG A . n 
A 1 41 ASP 41 33 33 ASP ASP A . n 
A 1 42 LEU 42 34 34 LEU LEU A . n 
A 1 43 ILE 43 35 35 ILE ILE A . n 
A 1 44 GLU 44 36 36 GLU GLU A . n 
A 1 45 GLU 45 37 37 GLU GLU A . n 
A 1 46 ILE 46 38 38 ILE ILE A . n 
A 1 47 LYS 47 39 39 LYS LYS A . n 
A 1 48 LYS 48 40 40 LYS LYS A . n 
A 1 49 ARG 49 41 41 ARG ARG A . n 
A 1 50 HIS 50 42 42 HIS HIS A . n 
A 1 51 GLU 51 43 43 GLU GLU A . n 
A 1 52 LYS 52 44 44 LYS LYS A . n 
A 1 53 PHE 53 45 45 PHE PHE A . n 
A 1 54 LYS 54 46 46 LYS LYS A . n 
A 1 55 GLU 55 47 47 GLU GLU A . n 
A 1 56 GLU 56 48 48 GLU GLU A . n 
A 1 57 VAL 57 49 49 VAL VAL A . n 
A 1 58 PHE 58 50 50 PHE PHE A . n 
A 1 59 GLY 59 51 51 GLY GLY A . n 
A 1 60 GLU 60 52 52 GLU GLU A . n 
A 1 61 GLY 61 53 53 GLY GLY A . n 
A 1 62 TYR 62 54 54 TYR TYR A . n 
A 1 63 ASP 63 55 55 ASP ASP A . n 
A 1 64 GLU 64 56 56 GLU GLU A . n 
A 1 65 ASP 65 57 57 ASP ASP A . n 
A 1 66 ALA 66 58 58 ALA ALA A . n 
A 1 67 ASP 67 59 59 ASP ASP A . n 
A 1 68 VAL 68 60 60 VAL VAL A . n 
A 1 69 ASN 69 61 61 ASN ASN A . n 
A 1 70 ILE 70 62 62 ILE ILE A . n 
A 1 71 ALA 71 63 63 ALA ALA A . n 
A 1 72 VAL 72 64 64 VAL VAL A . n 
A 1 73 ASN 73 65 65 ASN ASN A . n 
A 1 74 GLY 74 66 66 GLY GLY A . n 
A 1 75 ARG 75 67 67 ARG ARG A . n 
A 1 76 TYR 76 68 68 TYR TYR A . n 
A 1 77 VAL 77 69 69 VAL VAL A . n 
A 1 78 SER 78 70 70 SER SER A . n 
A 1 79 TRP 79 71 71 TRP TRP A . n 
A 1 80 ASP 80 72 72 ASP ASP A . n 
A 1 81 GLU 81 73 73 GLU GLU A . n 
A 1 82 GLU 82 74 74 GLU GLU A . n 
A 1 83 LEU 83 75 75 LEU LEU A . n 
A 1 84 LYS 84 76 76 LYS LYS A . n 
A 1 85 ASP 85 77 77 ASP ASP A . n 
A 1 86 GLY 86 78 78 GLY GLY A . n 
A 1 87 ASP 87 79 79 ASP ASP A . n 
A 1 88 VAL 88 80 80 VAL VAL A . n 
A 1 89 VAL 89 81 81 VAL VAL A . n 
A 1 90 GLY 90 82 82 GLY GLY A . n 
A 1 91 VAL 91 83 83 VAL VAL A . n 
A 1 92 PHE 92 84 84 PHE PHE A . n 
A 1 93 PRO 93 85 85 PRO PRO A . n 
A 1 94 PRO 94 86 86 PRO PRO A . n 
A 1 95 VAL 95 87 87 VAL VAL A . n 
A 1 96 SER 96 88 88 SER SER A . n 
A 1 97 GLY 97 89 ?  ?   ?   A . n 
A 1 98 GLY 98 90 ?  ?   ?   A . n 
# 
loop_
_pdbx_nonpoly_scheme.asym_id 
_pdbx_nonpoly_scheme.entity_id 
_pdbx_nonpoly_scheme.mon_id 
_pdbx_nonpoly_scheme.ndb_seq_num 
_pdbx_nonpoly_scheme.pdb_seq_num 
_pdbx_nonpoly_scheme.auth_seq_num 
_pdbx_nonpoly_scheme.pdb_mon_id 
_pdbx_nonpoly_scheme.auth_mon_id 
_pdbx_nonpoly_scheme.pdb_strand_id 
_pdbx_nonpoly_scheme.pdb_ins_code 
B 2 HOH 1  91  1  HOH HOH A . 
B 2 HOH 2  92  2  HOH HOH A . 
B 2 HOH 3  93  3  HOH HOH A . 
B 2 HOH 4  94  4  HOH HOH A . 
B 2 HOH 5  95  5  HOH HOH A . 
B 2 HOH 6  96  6  HOH HOH A . 
B 2 HOH 7  97  7  HOH HOH A . 
B 2 HOH 8  98  8  HOH HOH A . 
B 2 HOH 9  99  9  HOH HOH A . 
B 2 HOH 10 100 10 HOH HOH A . 
B 2 HOH 11 101 11 HOH HOH A . 
B 2 HOH 12 102 12 HOH HOH A . 
B 2 HOH 13 103 13 HOH HOH A . 
B 2 HOH 14 104 14 HOH HOH A . 
B 2 HOH 15 105 15 HOH HOH A . 
B 2 HOH 16 106 16 HOH HOH A . 
B 2 HOH 17 107 17 HOH HOH A . 
B 2 HOH 18 108 18 HOH HOH A . 
B 2 HOH 19 109 19 HOH HOH A . 
B 2 HOH 20 110 20 HOH HOH A . 
B 2 HOH 21 111 21 HOH HOH A . 
B 2 HOH 22 112 22 HOH HOH A . 
B 2 HOH 23 113 23 HOH HOH A . 
B 2 HOH 24 114 24 HOH HOH A . 
B 2 HOH 25 115 25 HOH HOH A . 
B 2 HOH 26 116 26 HOH HOH A . 
B 2 HOH 27 117 27 HOH HOH A . 
B 2 HOH 28 118 28 HOH HOH A . 
B 2 HOH 29 119 29 HOH HOH A . 
B 2 HOH 30 120 30 HOH HOH A . 
B 2 HOH 31 121 31 HOH HOH A . 
B 2 HOH 32 122 32 HOH HOH A . 
B 2 HOH 33 123 33 HOH HOH A . 
B 2 HOH 34 124 34 HOH HOH A . 
B 2 HOH 35 125 35 HOH HOH A . 
B 2 HOH 36 126 36 HOH HOH A . 
B 2 HOH 37 127 37 HOH HOH A . 
B 2 HOH 38 128 38 HOH HOH A . 
B 2 HOH 39 129 39 HOH HOH A . 
B 2 HOH 40 130 40 HOH HOH A . 
B 2 HOH 41 131 41 HOH HOH A . 
B 2 HOH 42 132 42 HOH HOH A . 
B 2 HOH 43 133 43 HOH HOH A . 
B 2 HOH 44 134 44 HOH HOH A . 
B 2 HOH 45 135 45 HOH HOH A . 
B 2 HOH 46 136 46 HOH HOH A . 
B 2 HOH 47 137 47 HOH HOH A . 
B 2 HOH 48 138 48 HOH HOH A . 
B 2 HOH 49 139 49 HOH HOH A . 
B 2 HOH 50 140 50 HOH HOH A . 
B 2 HOH 51 141 51 HOH HOH A . 
B 2 HOH 52 142 52 HOH HOH A . 
B 2 HOH 53 143 53 HOH HOH A . 
B 2 HOH 54 144 54 HOH HOH A . 
B 2 HOH 55 145 55 HOH HOH A . 
B 2 HOH 56 146 56 HOH HOH A . 
B 2 HOH 57 147 57 HOH HOH A . 
B 2 HOH 58 148 58 HOH HOH A . 
B 2 HOH 59 149 59 HOH HOH A . 
B 2 HOH 60 150 60 HOH HOH A . 
B 2 HOH 61 151 61 HOH HOH A . 
B 2 HOH 62 152 62 HOH HOH A . 
B 2 HOH 63 153 63 HOH HOH A . 
B 2 HOH 64 154 64 HOH HOH A . 
B 2 HOH 65 155 65 HOH HOH A . 
B 2 HOH 66 156 66 HOH HOH A . 
B 2 HOH 67 157 67 HOH HOH A . 
# 
loop_
_pdbx_unobs_or_zero_occ_atoms.id 
_pdbx_unobs_or_zero_occ_atoms.PDB_model_num 
_pdbx_unobs_or_zero_occ_atoms.polymer_flag 
_pdbx_unobs_or_zero_occ_atoms.occupancy_flag 
_pdbx_unobs_or_zero_occ_atoms.auth_asym_id 
_pdbx_unobs_or_zero_occ_atoms.auth_comp_id 
_pdbx_unobs_or_zero_occ_atoms.auth_seq_id 
_pdbx_unobs_or_zero_occ_atoms.PDB_ins_code 
_pdbx_unobs_or_zero_occ_atoms.auth_atom_id 
_pdbx_unobs_or_zero_occ_atoms.label_alt_id 
_pdbx_unobs_or_zero_occ_atoms.label_asym_id 
_pdbx_unobs_or_zero_occ_atoms.label_comp_id 
_pdbx_unobs_or_zero_occ_atoms.label_seq_id 
_pdbx_unobs_or_zero_occ_atoms.label_atom_id 
1  1 Y 1 A LYS 7  ? NZ  ? A LYS 15 NZ  
2  1 Y 1 A LYS 46 ? NZ  ? A LYS 54 NZ  
3  1 Y 1 A GLU 56 ? CG  ? A GLU 64 CG  
4  1 Y 1 A GLU 56 ? CD  ? A GLU 64 CD  
5  1 Y 1 A GLU 56 ? OE1 ? A GLU 64 OE1 
6  1 Y 1 A GLU 56 ? OE2 ? A GLU 64 OE2 
7  1 Y 1 A LYS 76 ? CE  ? A LYS 84 CE  
8  1 Y 1 A LYS 76 ? NZ  ? A LYS 84 NZ  
9  1 Y 1 A SER 88 ? CA  ? A SER 96 CA  
10 1 Y 1 A SER 88 ? C   ? A SER 96 C   
11 1 Y 1 A SER 88 ? O   ? A SER 96 O   
12 1 Y 1 A SER 88 ? CB  ? A SER 96 CB  
13 1 Y 1 A SER 88 ? OG  ? A SER 96 OG  
# 
loop_
_software.name 
_software.version 
_software.date 
_software.type 
_software.contact_author 
_software.contact_author_email 
_software.classification 
_software.location 
_software.language 
_software.citation_id 
_software.pdbx_ordinal 
SOLVE       2.03          20-Sept-2002 program 'Tom Terwilliger'    terwilliger@LANL.gov     phasing           
http://www.solve.lanl.gov/                       ?       ? 1 
RESOLVE     2.03          10-Aug-2002  program 'Terwilliger, T. C'  terwilliger@LANL.gov     phasing           
http://www.solve.lanl.gov/                       ?       ? 2 
REFMAC      refmac_5.1.24 24/04/2001   program 'Murshudov, G.N.'    ccp4@dl.ac.uk            refinement        
http://www.ccp4.ac.uk/main.html                  Fortran ? 3 
DENZO       .             ?            package 'Zbyszek Otwinowski' zbyszek@mix.swmed.edu    'data reduction'  
http://www.lnls.br/infra/linhasluz/denzo-hkl.htm ?       ? 4 
SCALEPACK   .             ?            package 'Zbyszek Otwinowski' zbyszek@mix.swmed.edu    'data scaling'    
http://www.lnls.br/infra/linhasluz/denzo-hkl.htm ?       ? 5 
PDB_EXTRACT 1.0           02/20/2004   program H.Yang               sw-help@rcsb.rutgers.edu 'data extraction' 
http://pdb.rutgers.edu/software/                 C/C++   ? 6 
ARP/wARP    .             ?            ?       ?                    ?                        'model building'  ? ?       ? 7 
XFIT        .             ?            ?       ?                    ?                        'data reduction'  ? ?       ? 8 
MolProbity  .             ?            ?       ?                    ?                        'model building'  ? ?       ? 9 
# 
_cell.length_a           81.467 
_cell.length_b           81.467 
_cell.length_c           63.698 
_cell.angle_alpha        90.00 
_cell.angle_beta         90.00 
_cell.angle_gamma        120.00 
_cell.entry_id           1VJK 
_cell.pdbx_unique_axis   ? 
_cell.Z_PDB              12 
# 
_symmetry.space_group_name_H-M             'P 65 2 2' 
_symmetry.Int_Tables_number                179 
_symmetry.entry_id                         1VJK 
_symmetry.pdbx_full_space_group_name_H-M   ? 
_symmetry.cell_setting                     ? 
_symmetry.space_group_name_Hall            ? 
# 
_exptl.crystals_number   1 
_exptl.method            'X-RAY DIFFRACTION' 
_exptl.entry_id          1VJK 
# 
_exptl_crystal.id                    1 
_exptl_crystal.density_meas          ? 
_exptl_crystal.density_percent_sol   54.83 
_exptl_crystal.density_Matthews      2.72 
_exptl_crystal.description           ? 
_exptl_crystal.F_000                 ? 
_exptl_crystal.preparation           ? 
# 
_exptl_crystal_grow.crystal_id      1 
_exptl_crystal_grow.method          'modified microbatch' 
_exptl_crystal_grow.pH              6.5 
_exptl_crystal_grow.temp            291 
_exptl_crystal_grow.pdbx_details    
'100mM sodium cacodylate, 30% PEG 8000, 200mM ammonium sulfate, modified microbatch, temperature 291K, pH 6.5' 
_exptl_crystal_grow.temp_details    ? 
_exptl_crystal_grow.pdbx_pH_range   . 
# 
_diffrn.id                     1 
_diffrn.ambient_temp           100 
_diffrn.ambient_temp_details   ? 
_diffrn.crystal_id             1 
# 
_diffrn_detector.diffrn_id              1 
_diffrn_detector.detector               CCD 
_diffrn_detector.type                   'MARMOSAIC 225 mm CCD' 
_diffrn_detector.pdbx_collection_date   ? 
_diffrn_detector.details                ? 
# 
_diffrn_radiation.diffrn_id                        1 
_diffrn_radiation.pdbx_diffrn_protocol             'SINGLE WAVELENGTH' 
_diffrn_radiation.monochromator                    'SI CHANNEL 220' 
_diffrn_radiation.wavelength_id                    1 
_diffrn_radiation.pdbx_monochromatic_or_laue_m_l   ? 
_diffrn_radiation.pdbx_scattering_type             x-ray 
# 
_diffrn_radiation_wavelength.id           1 
_diffrn_radiation_wavelength.wavelength   0.97 
_diffrn_radiation_wavelength.wt           1.0 
# 
_diffrn_source.pdbx_wavelength_list        0.97 
_diffrn_source.diffrn_id                   1 
_diffrn_source.source                      SYNCHROTRON 
_diffrn_source.type                        'APS BEAMLINE 22-ID' 
_diffrn_source.pdbx_synchrotron_site       APS 
_diffrn_source.pdbx_synchrotron_beamline   22-ID 
_diffrn_source.pdbx_wavelength             ? 
# 
_reflns.d_resolution_low             50.00 
_reflns.d_resolution_high            1.51 
_reflns.number_obs                   19993 
_reflns.percent_possible_obs         99.300 
_reflns.pdbx_Rmerge_I_obs            0.065 
_reflns.entry_id                     1VJK 
_reflns.number_all                   ? 
_reflns.observed_criterion_sigma_F   ? 
_reflns.observed_criterion_sigma_I   ? 
_reflns.pdbx_Rsym_value              ? 
_reflns.pdbx_netI_over_sigmaI        ? 
_reflns.B_iso_Wilson_estimate        ? 
_reflns.pdbx_redundancy              ? 
_reflns.R_free_details               ? 
_reflns.limit_h_max                  ? 
_reflns.limit_h_min                  ? 
_reflns.limit_k_max                  ? 
_reflns.limit_k_min                  ? 
_reflns.limit_l_max                  ? 
_reflns.limit_l_min                  ? 
_reflns.observed_criterion_F_max     ? 
_reflns.observed_criterion_F_min     ? 
_reflns.pdbx_chi_squared             ? 
_reflns.pdbx_scaling_rejects         ? 
_reflns.pdbx_ordinal                 1 
_reflns.pdbx_diffrn_id               1 
# 
loop_
_reflns_shell.d_res_low 
_reflns_shell.d_res_high 
_reflns_shell.percent_possible_all 
_reflns_shell.Rmerge_I_obs 
_reflns_shell.number_unique_all 
_reflns_shell.meanI_over_sigI_obs 
_reflns_shell.pdbx_Rsym_value 
_reflns_shell.percent_possible_obs 
_reflns_shell.pdbx_redundancy 
_reflns_shell.number_measured_all 
_reflns_shell.number_measured_obs 
_reflns_shell.number_unique_obs 
_reflns_shell.pdbx_chi_squared 
_reflns_shell.pdbx_ordinal 
_reflns_shell.pdbx_diffrn_id 
1.56  1.51 100.000 0.16  ? ? ? ? ? ? ? ? ? 1  1 
1.63  1.56 100.000 0.132 ? ? ? ? ? ? ? ? ? 2  1 
1.70  1.63 100.000 0.108 ? ? ? ? ? ? ? ? ? 3  1 
1.79  1.70 100.000 0.091 ? ? ? ? ? ? ? ? ? 4  1 
1.90  1.79 100.000 0.077 ? ? ? ? ? ? ? ? ? 5  1 
2.05  1.90 100.000 0.067 ? ? ? ? ? ? ? ? ? 6  1 
2.26  2.05 100.000 0.063 ? ? ? ? ? ? ? ? ? 7  1 
2.58  2.26 100.000 0.061 ? ? ? ? ? ? ? ? ? 8  1 
3.25  2.58 99.900  0.065 ? ? ? ? ? ? ? ? ? 9  1 
50.00 3.25 93.300  0.058 ? ? ? ? ? ? ? ? ? 10 1 
# 
_refine.B_iso_mean                               13.587 
_refine.aniso_B[1][1]                            0.225 
_refine.aniso_B[2][2]                            0.225 
_refine.aniso_B[3][3]                            -0.337 
_refine.aniso_B[1][2]                            0.112 
_refine.aniso_B[1][3]                            0.000 
_refine.aniso_B[2][3]                            0.000 
_refine.solvent_model_details                    'BABINET MODEL PLUS MASK' 
_refine.pdbx_solvent_vdw_probe_radii             1.400 
_refine.pdbx_solvent_ion_probe_radii             0.800 
_refine.pdbx_solvent_shrinkage_radii             0.800 
_refine.ls_d_res_high                            1.510 
_refine.ls_d_res_low                             70.711 
_refine.ls_number_reflns_R_free                  1021 
_refine.ls_R_factor_R_work                       0.21 
_refine.ls_R_factor_R_free                       0.2243 
_refine.ls_R_factor_all                          0.211 
_refine.ls_percent_reflns_R_free                 5.116 
_refine.correlation_coeff_Fo_to_Fc               0.943 
_refine.correlation_coeff_Fo_to_Fc_free          0.934 
_refine.overall_SU_R_Cruickshank_DPI             0.071 
_refine.pdbx_overall_ESU_R_Free                  0.070 
_refine.overall_SU_ML                            0.037 
_refine.overall_SU_B                             0.954 
_refine.ls_percent_reflns_obs                    99.240 
_refine.ls_number_reflns_obs                     18936 
_refine.pdbx_ls_cross_valid_method               THROUGHOUT 
_refine.pdbx_R_Free_selection_details            RANDOM 
_refine.entry_id                                 1VJK 
_refine.ls_R_factor_obs                          ? 
_refine.ls_number_reflns_all                     ? 
_refine.pdbx_ls_sigma_F                          ? 
_refine.pdbx_ls_sigma_I                          ? 
_refine.ls_redundancy_reflns_obs                 ? 
_refine.pdbx_data_cutoff_high_absF               ? 
_refine.pdbx_data_cutoff_low_absF                ? 
_refine.ls_number_parameters                     ? 
_refine.ls_number_restraints                     ? 
_refine.ls_R_factor_R_free_error                 ? 
_refine.ls_R_factor_R_free_error_details         ? 
_refine.pdbx_method_to_determine_struct          ? 
_refine.pdbx_starting_model                      ? 
_refine.pdbx_isotropic_thermal_model             ? 
_refine.pdbx_stereochem_target_val_spec_case     ? 
_refine.pdbx_stereochemistry_target_values       ? 
_refine.solvent_model_param_bsol                 ? 
_refine.solvent_model_param_ksol                 ? 
_refine.occupancy_max                            ? 
_refine.occupancy_min                            ? 
_refine.pdbx_overall_ESU_R                       ? 
_refine.pdbx_data_cutoff_high_rms_absF           ? 
_refine.details                                  
;Difference density close to the sidechains of residues TYR 54 and TYR 68 
suggests the presence of the crystallization reagent polyethylene glycol 
between symmetry-related copies of the peptide chain.
;
_refine.B_iso_min                                ? 
_refine.B_iso_max                                ? 
_refine.overall_SU_R_free                        ? 
_refine.ls_wR_factor_R_free                      ? 
_refine.ls_wR_factor_R_work                      ? 
_refine.overall_FOM_free_R_set                   ? 
_refine.overall_FOM_work_R_set                   ? 
_refine.pdbx_refine_id                           'X-RAY DIFFRACTION' 
_refine.pdbx_TLS_residual_ADP_flag               'LIKELY RESIDUAL' 
_refine.pdbx_diffrn_id                           1 
_refine.pdbx_overall_phase_error                 ? 
_refine.pdbx_overall_SU_R_free_Cruickshank_DPI   ? 
_refine.pdbx_overall_SU_R_Blow_DPI               ? 
_refine.pdbx_overall_SU_R_free_Blow_DPI          ? 
# 
_refine_hist.pdbx_refine_id                   'X-RAY DIFFRACTION' 
_refine_hist.cycle_id                         LAST 
_refine_hist.pdbx_number_atoms_protein        702 
_refine_hist.pdbx_number_atoms_nucleic_acid   0 
_refine_hist.pdbx_number_atoms_ligand         0 
_refine_hist.number_atoms_solvent             67 
_refine_hist.number_atoms_total               769 
_refine_hist.d_res_high                       1.510 
_refine_hist.d_res_low                        70.711 
# 
loop_
_refine_ls_restr.type 
_refine_ls_restr.number 
_refine_ls_restr.dev_ideal 
_refine_ls_restr.dev_ideal_target 
_refine_ls_restr.weight 
_refine_ls_restr.pdbx_refine_id 
_refine_ls_restr.pdbx_restraint_function 
r_bond_refined_d         715 0.013 0.021 ? 'X-RAY DIFFRACTION' ? 
r_angle_refined_deg      964 1.322 1.954 ? 'X-RAY DIFFRACTION' ? 
r_dihedral_angle_1_deg   86  4.951 5.000 ? 'X-RAY DIFFRACTION' ? 
r_chiral_restr           101 0.090 0.200 ? 'X-RAY DIFFRACTION' ? 
r_gen_planes_refined     561 0.006 0.020 ? 'X-RAY DIFFRACTION' ? 
r_nbd_refined            255 0.193 0.200 ? 'X-RAY DIFFRACTION' ? 
r_nbtor_refined          489 0.311 0.200 ? 'X-RAY DIFFRACTION' ? 
r_xyhbond_nbd_refined    47  0.075 0.200 ? 'X-RAY DIFFRACTION' ? 
r_symmetry_vdw_refined   21  0.135 0.200 ? 'X-RAY DIFFRACTION' ? 
r_symmetry_hbond_refined 8   0.104 0.200 ? 'X-RAY DIFFRACTION' ? 
r_mcbond_it              431 1.863 2.000 ? 'X-RAY DIFFRACTION' ? 
r_mcangle_it             694 2.834 3.000 ? 'X-RAY DIFFRACTION' ? 
r_scbond_it              284 2.817 2.000 ? 'X-RAY DIFFRACTION' ? 
r_scangle_it             270 4.431 3.000 ? 'X-RAY DIFFRACTION' ? 
# 
loop_
_refine_ls_shell.d_res_low 
_refine_ls_shell.d_res_high 
_refine_ls_shell.number_reflns_all 
_refine_ls_shell.number_reflns_R_work 
_refine_ls_shell.R_factor_R_work 
_refine_ls_shell.number_reflns_R_free 
_refine_ls_shell.R_factor_R_free 
_refine_ls_shell.R_factor_R_free_error 
_refine_ls_shell.pdbx_total_number_of_bins_used 
_refine_ls_shell.percent_reflns_R_free 
_refine_ls_shell.percent_reflns_obs 
_refine_ls_shell.redundancy_reflns_obs 
_refine_ls_shell.number_reflns_obs 
_refine_ls_shell.pdbx_refine_id 
_refine_ls_shell.R_factor_all 
1.5491  1.510 1450 1368 0.176 82 0.206 . 20 . . . . 'X-RAY DIFFRACTION' . 
1.5915  1.549 1421 1338 0.174 83 0.178 . 20 . . . . 'X-RAY DIFFRACTION' . 
1.6376  1.591 1372 1305 0.176 67 0.205 . 20 . . . . 'X-RAY DIFFRACTION' . 
1.6880  1.638 1333 1269 0.197 64 0.285 . 20 . . . . 'X-RAY DIFFRACTION' . 
1.7433  1.688 1298 1241 0.197 57 0.25  . 20 . . . . 'X-RAY DIFFRACTION' . 
1.8044  1.743 1278 1214 0.199 64 0.218 . 20 . . . . 'X-RAY DIFFRACTION' . 
1.8725  1.804 1213 1150 0.192 63 0.19  . 20 . . . . 'X-RAY DIFFRACTION' . 
1.9489  1.873 1180 1120 0.198 60 0.204 . 20 . . . . 'X-RAY DIFFRACTION' . 
2.0355  1.949 1143 1081 0.207 62 0.221 . 20 . . . . 'X-RAY DIFFRACTION' . 
2.1348  2.036 1082 1029 0.21  53 0.222 . 20 . . . . 'X-RAY DIFFRACTION' . 
2.2501  2.135 1032 977  0.209 54 0.215 . 20 . . . . 'X-RAY DIFFRACTION' . 
2.3865  2.250 987  931  0.209 53 0.226 . 20 . . . . 'X-RAY DIFFRACTION' . 
2.5510  2.386 930  876  0.229 54 0.252 . 20 . . . . 'X-RAY DIFFRACTION' . 
2.7551  2.551 869  829  0.221 40 0.253 . 20 . . . . 'X-RAY DIFFRACTION' . 
3.0177  2.755 813  770  0.227 43 0.227 . 20 . . . . 'X-RAY DIFFRACTION' . 
3.3731  3.018 734  687  0.23  44 0.218 . 20 . . . . 'X-RAY DIFFRACTION' . 
3.8934  3.373 656  593  0.201 27 0.213 . 20 . . . . 'X-RAY DIFFRACTION' . 
4.7648  3.893 573  531  0.185 19 0.207 . 20 . . . . 'X-RAY DIFFRACTION' . 
6.7232  4.765 458  422  0.23  18 0.226 . 20 . . . . 'X-RAY DIFFRACTION' . 
70.7107 6.723 288  205  0.31  14 0.286 . 20 . . . . 'X-RAY DIFFRACTION' . 
# 
_struct.entry_id                  1VJK 
_struct.title                     'Putative molybdopterin converting factor, subunit 1 from Pyrococcus furiosus, Pfu-562899-001' 
_struct.pdbx_model_details        ? 
_struct.pdbx_CASP_flag            ? 
_struct.pdbx_model_type_details   ? 
# 
_struct_keywords.text            
;structural genomics, molybdopterin converting factor, subunit 1, Pfu-562899-001, Pyrococcus furiosus, PSI, Protein Structure Initiative, Southeast Collaboratory for Structural Genomics, SECSG, UNKNOWN FUNCTION
;
_struct_keywords.entry_id        1VJK 
_struct_keywords.pdbx_keywords   'STRUCTURAL GENOMICS, UNKNOWN FUNCTION' 
# 
loop_
_struct_asym.id 
_struct_asym.pdbx_blank_PDB_chainid_flag 
_struct_asym.pdbx_modified 
_struct_asym.entity_id 
_struct_asym.details 
A N N 1 ? 
B N N 2 ? 
# 
_struct_ref.id                         1 
_struct_ref.db_code                    Q8U3C7_PYRFU 
_struct_ref.db_name                    UNP 
_struct_ref.entity_id                  1 
_struct_ref.pdbx_db_accession          Q8U3C7 
_struct_ref.pdbx_align_begin           2 
_struct_ref.pdbx_seq_one_letter_code   
;VKVKVKYFARFRQLAGVDEEEIELPEGARVRDLIEEIKKRHEKFKEEVFGEGYDEDADVNIAVNGRYVSWDEELKDGDVV
GVFPPVSGG
;
_struct_ref.pdbx_db_isoform            ? 
# 
_struct_ref_seq.align_id                      1 
_struct_ref_seq.ref_id                        1 
_struct_ref_seq.pdbx_PDB_id_code              1VJK 
_struct_ref_seq.pdbx_strand_id                A 
_struct_ref_seq.seq_align_beg                 10 
_struct_ref_seq.pdbx_seq_align_beg_ins_code   ? 
_struct_ref_seq.seq_align_end                 98 
_struct_ref_seq.pdbx_seq_align_end_ins_code   ? 
_struct_ref_seq.pdbx_db_accession             Q8U3C7 
_struct_ref_seq.db_align_beg                  2 
_struct_ref_seq.pdbx_db_align_beg_ins_code    ? 
_struct_ref_seq.db_align_end                  90 
_struct_ref_seq.pdbx_db_align_end_ins_code    ? 
_struct_ref_seq.pdbx_auth_seq_align_beg       2 
_struct_ref_seq.pdbx_auth_seq_align_end       90 
# 
loop_
_struct_ref_seq_dif.align_id 
_struct_ref_seq_dif.pdbx_pdb_id_code 
_struct_ref_seq_dif.mon_id 
_struct_ref_seq_dif.pdbx_pdb_strand_id 
_struct_ref_seq_dif.seq_num 
_struct_ref_seq_dif.pdbx_pdb_ins_code 
_struct_ref_seq_dif.pdbx_seq_db_name 
_struct_ref_seq_dif.pdbx_seq_db_accession_code 
_struct_ref_seq_dif.db_mon_id 
_struct_ref_seq_dif.pdbx_seq_db_seq_num 
_struct_ref_seq_dif.details 
_struct_ref_seq_dif.pdbx_auth_seq_num 
_struct_ref_seq_dif.pdbx_ordinal 
1 1VJK ALA A 1 ? UNP Q8U3C7 ? ? 'expression tag' -7 1 
1 1VJK HIS A 2 ? UNP Q8U3C7 ? ? 'expression tag' -6 2 
1 1VJK HIS A 3 ? UNP Q8U3C7 ? ? 'expression tag' -5 3 
1 1VJK HIS A 4 ? UNP Q8U3C7 ? ? 'expression tag' -4 4 
1 1VJK HIS A 5 ? UNP Q8U3C7 ? ? 'expression tag' -3 5 
1 1VJK HIS A 6 ? UNP Q8U3C7 ? ? 'expression tag' -2 6 
1 1VJK HIS A 7 ? UNP Q8U3C7 ? ? 'expression tag' -1 7 
1 1VJK GLY A 8 ? UNP Q8U3C7 ? ? 'expression tag' 0  8 
1 1VJK SER A 9 ? UNP Q8U3C7 ? ? 'expression tag' 1  9 
# 
_pdbx_struct_assembly.id                   1 
_pdbx_struct_assembly.details              author_defined_assembly 
_pdbx_struct_assembly.method_details       ? 
_pdbx_struct_assembly.oligomeric_details   monomeric 
_pdbx_struct_assembly.oligomeric_count     1 
# 
_pdbx_struct_assembly_gen.assembly_id       1 
_pdbx_struct_assembly_gen.oper_expression   1 
_pdbx_struct_assembly_gen.asym_id_list      A,B 
# 
_pdbx_struct_oper_list.id                   1 
_pdbx_struct_oper_list.type                 'identity operation' 
_pdbx_struct_oper_list.name                 1_555 
_pdbx_struct_oper_list.symmetry_operation   x,y,z 
_pdbx_struct_oper_list.matrix[1][1]         1.0000000000 
_pdbx_struct_oper_list.matrix[1][2]         0.0000000000 
_pdbx_struct_oper_list.matrix[1][3]         0.0000000000 
_pdbx_struct_oper_list.vector[1]            0.0000000000 
_pdbx_struct_oper_list.matrix[2][1]         0.0000000000 
_pdbx_struct_oper_list.matrix[2][2]         1.0000000000 
_pdbx_struct_oper_list.matrix[2][3]         0.0000000000 
_pdbx_struct_oper_list.vector[2]            0.0000000000 
_pdbx_struct_oper_list.matrix[3][1]         0.0000000000 
_pdbx_struct_oper_list.matrix[3][2]         0.0000000000 
_pdbx_struct_oper_list.matrix[3][3]         1.0000000000 
_pdbx_struct_oper_list.vector[3]            0.0000000000 
# 
_struct_biol.id                    1 
_struct_biol.pdbx_parent_biol_id   ? 
_struct_biol.details               ? 
# 
loop_
_struct_conf.conf_type_id 
_struct_conf.id 
_struct_conf.pdbx_PDB_helix_id 
_struct_conf.beg_label_comp_id 
_struct_conf.beg_label_asym_id 
_struct_conf.beg_label_seq_id 
_struct_conf.pdbx_beg_PDB_ins_code 
_struct_conf.end_label_comp_id 
_struct_conf.end_label_asym_id 
_struct_conf.end_label_seq_id 
_struct_conf.pdbx_end_PDB_ins_code 
_struct_conf.beg_auth_comp_id 
_struct_conf.beg_auth_asym_id 
_struct_conf.beg_auth_seq_id 
_struct_conf.end_auth_comp_id 
_struct_conf.end_auth_asym_id 
_struct_conf.end_auth_seq_id 
_struct_conf.pdbx_PDB_helix_class 
_struct_conf.details 
_struct_conf.pdbx_PDB_helix_length 
HELX_P HELX_P1 1 ALA A 18 ? GLY A 25 ? ALA A 10 GLY A 17 1 ? 8  
HELX_P HELX_P2 2 ARG A 38 ? HIS A 50 ? ARG A 30 HIS A 42 1 ? 13 
HELX_P HELX_P3 3 GLU A 51 ? GLU A 56 ? GLU A 43 GLU A 48 5 ? 6  
# 
_struct_conf_type.id          HELX_P 
_struct_conf_type.criteria    ? 
_struct_conf_type.reference   ? 
# 
_struct_sheet.id               A 
_struct_sheet.type             ? 
_struct_sheet.number_strands   4 
_struct_sheet.details          ? 
# 
loop_
_struct_sheet_order.sheet_id 
_struct_sheet_order.range_id_1 
_struct_sheet_order.range_id_2 
_struct_sheet_order.offset 
_struct_sheet_order.sense 
A 1 2 ? anti-parallel 
A 2 3 ? parallel      
A 3 4 ? anti-parallel 
# 
loop_
_struct_sheet_range.sheet_id 
_struct_sheet_range.id 
_struct_sheet_range.beg_label_comp_id 
_struct_sheet_range.beg_label_asym_id 
_struct_sheet_range.beg_label_seq_id 
_struct_sheet_range.pdbx_beg_PDB_ins_code 
_struct_sheet_range.end_label_comp_id 
_struct_sheet_range.end_label_asym_id 
_struct_sheet_range.end_label_seq_id 
_struct_sheet_range.pdbx_end_PDB_ins_code 
_struct_sheet_range.beg_auth_comp_id 
_struct_sheet_range.beg_auth_asym_id 
_struct_sheet_range.beg_auth_seq_id 
_struct_sheet_range.end_auth_comp_id 
_struct_sheet_range.end_auth_asym_id 
_struct_sheet_range.end_auth_seq_id 
A 1 GLU A 28 ? LEU A 33 ? GLU A 20 LEU A 25 
A 2 VAL A 10 ? TYR A 16 ? VAL A 2  TYR A 8  
A 3 VAL A 88 ? PHE A 92 ? VAL A 80 PHE A 84 
A 4 ASN A 69 ? VAL A 72 ? ASN A 61 VAL A 64 
# 
loop_
_pdbx_struct_sheet_hbond.sheet_id 
_pdbx_struct_sheet_hbond.range_id_1 
_pdbx_struct_sheet_hbond.range_id_2 
_pdbx_struct_sheet_hbond.range_1_label_atom_id 
_pdbx_struct_sheet_hbond.range_1_label_comp_id 
_pdbx_struct_sheet_hbond.range_1_label_asym_id 
_pdbx_struct_sheet_hbond.range_1_label_seq_id 
_pdbx_struct_sheet_hbond.range_1_PDB_ins_code 
_pdbx_struct_sheet_hbond.range_1_auth_atom_id 
_pdbx_struct_sheet_hbond.range_1_auth_comp_id 
_pdbx_struct_sheet_hbond.range_1_auth_asym_id 
_pdbx_struct_sheet_hbond.range_1_auth_seq_id 
_pdbx_struct_sheet_hbond.range_2_label_atom_id 
_pdbx_struct_sheet_hbond.range_2_label_comp_id 
_pdbx_struct_sheet_hbond.range_2_label_asym_id 
_pdbx_struct_sheet_hbond.range_2_label_seq_id 
_pdbx_struct_sheet_hbond.range_2_PDB_ins_code 
_pdbx_struct_sheet_hbond.range_2_auth_atom_id 
_pdbx_struct_sheet_hbond.range_2_auth_comp_id 
_pdbx_struct_sheet_hbond.range_2_auth_asym_id 
_pdbx_struct_sheet_hbond.range_2_auth_seq_id 
A 1 2 O GLU A 29 ? O GLU A 21 N VAL A 14 ? N VAL A 6  
A 2 3 N LYS A 13 ? N LYS A 5  O VAL A 89 ? O VAL A 81 
A 3 4 O PHE A 92 ? O PHE A 84 N ASN A 69 ? N ASN A 61 
# 
_pdbx_validate_torsion.id              1 
_pdbx_validate_torsion.PDB_model_num   1 
_pdbx_validate_torsion.auth_comp_id    ALA 
_pdbx_validate_torsion.auth_asym_id    A 
_pdbx_validate_torsion.auth_seq_id     10 
_pdbx_validate_torsion.PDB_ins_code    ? 
_pdbx_validate_torsion.label_alt_id    ? 
_pdbx_validate_torsion.phi             53.24 
_pdbx_validate_torsion.psi             -131.50 
# 
_pdbx_SG_project.id                    1 
_pdbx_SG_project.project_name          'PSI, Protein Structure Initiative' 
_pdbx_SG_project.full_name_of_center   'Southeast Collaboratory for Structural Genomics' 
_pdbx_SG_project.initial_of_center     SECSG 
# 
_pdbx_refine_tls.id               1 
_pdbx_refine_tls.details          . 
_pdbx_refine_tls.method           refined 
_pdbx_refine_tls.origin_x         -0.2171 
_pdbx_refine_tls.origin_y         -0.1150 
_pdbx_refine_tls.origin_z         0.2677 
_pdbx_refine_tls.T[1][1]          0.0153 
_pdbx_refine_tls.T[2][2]          0.0787 
_pdbx_refine_tls.T[3][3]          0.0407 
_pdbx_refine_tls.T[1][2]          -0.0227 
_pdbx_refine_tls.T[1][3]          -0.0013 
_pdbx_refine_tls.T[2][3]          -0.0371 
_pdbx_refine_tls.L[1][1]          1.5389 
_pdbx_refine_tls.L[2][2]          0.9296 
_pdbx_refine_tls.L[3][3]          1.4021 
_pdbx_refine_tls.L[1][2]          0.2196 
_pdbx_refine_tls.L[1][3]          -0.7569 
_pdbx_refine_tls.L[2][3]          0.3304 
_pdbx_refine_tls.S[1][1]          -0.1127 
_pdbx_refine_tls.S[2][2]          -0.0077 
_pdbx_refine_tls.S[3][3]          0.1205 
_pdbx_refine_tls.S[1][2]          0.0458 
_pdbx_refine_tls.S[1][3]          -0.0550 
_pdbx_refine_tls.S[2][3]          0.0182 
_pdbx_refine_tls.S[2][1]          -0.0743 
_pdbx_refine_tls.S[3][1]          0.0071 
_pdbx_refine_tls.S[3][2]          -0.1548 
_pdbx_refine_tls.pdbx_refine_id   'X-RAY DIFFRACTION' 
# 
_pdbx_refine_tls_group.id                  1 
_pdbx_refine_tls_group.refine_tls_id       1 
_pdbx_refine_tls_group.beg_label_asym_id   A 
_pdbx_refine_tls_group.beg_label_seq_id    16 
_pdbx_refine_tls_group.end_label_asym_id   B 
_pdbx_refine_tls_group.end_label_seq_id    4 
_pdbx_refine_tls_group.selection           ALL 
_pdbx_refine_tls_group.beg_auth_asym_id    A 
_pdbx_refine_tls_group.beg_auth_seq_id     8 
_pdbx_refine_tls_group.end_auth_asym_id    A 
_pdbx_refine_tls_group.end_auth_seq_id     94 
_pdbx_refine_tls_group.pdbx_refine_id      'X-RAY DIFFRACTION' 
_pdbx_refine_tls_group.selection_details   ? 
# 
loop_
_pdbx_phasing_MAD_shell.d_res_low 
_pdbx_phasing_MAD_shell.d_res_high 
_pdbx_phasing_MAD_shell.reflns 
_pdbx_phasing_MAD_shell.fom 
20.000 8.52 272 0.35 
8.52   5.54 404 0.41 
5.54   4.38 498 0.42 
4.38   3.74 559 0.43 
3.74   3.31 636 0.46 
3.31   3.00 687 0.44 
3.00   2.77 745 0.43 
2.77   2.58 783 0.41 
# 
_pdbx_phasing_dm.entry_id          1VJK 
_pdbx_phasing_dm.fom_acentric      0.62 
_pdbx_phasing_dm.fom_centric       0.49 
_pdbx_phasing_dm.fom               0.59 
_pdbx_phasing_dm.reflns_acentric   4568 
_pdbx_phasing_dm.reflns_centric    1251 
_pdbx_phasing_dm.reflns            5819 
# 
loop_
_pdbx_phasing_dm_shell.d_res_low 
_pdbx_phasing_dm_shell.d_res_high 
_pdbx_phasing_dm_shell.fom_acentric 
_pdbx_phasing_dm_shell.fom_centric 
_pdbx_phasing_dm_shell.fom 
_pdbx_phasing_dm_shell.reflns_acentric 
_pdbx_phasing_dm_shell.reflns_centric 
_pdbx_phasing_dm_shell.reflns 
19.540 6.6 0.83 0.64 0.83 149  142 291  
6.6    4.1 0.86 0.64 0.80 571  250 821  
4.1    3.3 0.84 0.64 0.80 762  220 982  
3.3    2.9 0.75 0.50 0.70 779  194 973  
2.9    2.5 0.58 0.33 0.54 1415 290 1705 
2.5    2.3 0.18 0.16 0.18 892  155 1047 
# 
_phasing.method   SAD 
# 
_phasing_MAD.entry_id          1VJK 
_phasing_MAD.pdbx_d_res_high   2.500 
_phasing_MAD.pdbx_d_res_low    20.000 
_phasing_MAD.pdbx_reflns       4584 
_phasing_MAD.pdbx_fom          0.42 
# 
_pdbx_database_remark.id     300 
_pdbx_database_remark.text   
;BIOMOLECULE
THIS ENTRY CONTAINS THE CRYSTALLOGRAPHIC ASYMMETRIC UNIT
WHICH CONSISTS OF 1 CHAIN(S). THE BIOLOGICAL UNIT IS
UNKNOWN.
;
# 
loop_
_pdbx_unobs_or_zero_occ_residues.id 
_pdbx_unobs_or_zero_occ_residues.PDB_model_num 
_pdbx_unobs_or_zero_occ_residues.polymer_flag 
_pdbx_unobs_or_zero_occ_residues.occupancy_flag 
_pdbx_unobs_or_zero_occ_residues.auth_asym_id 
_pdbx_unobs_or_zero_occ_residues.auth_comp_id 
_pdbx_unobs_or_zero_occ_residues.auth_seq_id 
_pdbx_unobs_or_zero_occ_residues.PDB_ins_code 
_pdbx_unobs_or_zero_occ_residues.label_asym_id 
_pdbx_unobs_or_zero_occ_residues.label_comp_id 
_pdbx_unobs_or_zero_occ_residues.label_seq_id 
1  1 Y 1 A ALA -7 ? A ALA 1  
2  1 Y 1 A HIS -6 ? A HIS 2  
3  1 Y 1 A HIS -5 ? A HIS 3  
4  1 Y 1 A HIS -4 ? A HIS 4  
5  1 Y 1 A HIS -3 ? A HIS 5  
6  1 Y 1 A HIS -2 ? A HIS 6  
7  1 Y 1 A HIS -1 ? A HIS 7  
8  1 Y 1 A GLY 0  ? A GLY 8  
9  1 Y 1 A GLY 89 ? A GLY 97 
10 1 Y 1 A GLY 90 ? A GLY 98 
# 
loop_
_chem_comp_atom.comp_id 
_chem_comp_atom.atom_id 
_chem_comp_atom.type_symbol 
_chem_comp_atom.pdbx_aromatic_flag 
_chem_comp_atom.pdbx_stereo_config 
_chem_comp_atom.pdbx_ordinal 
ALA N    N N N 1   
ALA CA   C N S 2   
ALA C    C N N 3   
ALA O    O N N 4   
ALA CB   C N N 5   
ALA OXT  O N N 6   
ALA H    H N N 7   
ALA H2   H N N 8   
ALA HA   H N N 9   
ALA HB1  H N N 10  
ALA HB2  H N N 11  
ALA HB3  H N N 12  
ALA HXT  H N N 13  
ARG N    N N N 14  
ARG CA   C N S 15  
ARG C    C N N 16  
ARG O    O N N 17  
ARG CB   C N N 18  
ARG CG   C N N 19  
ARG CD   C N N 20  
ARG NE   N N N 21  
ARG CZ   C N N 22  
ARG NH1  N N N 23  
ARG NH2  N N N 24  
ARG OXT  O N N 25  
ARG H    H N N 26  
ARG H2   H N N 27  
ARG HA   H N N 28  
ARG HB2  H N N 29  
ARG HB3  H N N 30  
ARG HG2  H N N 31  
ARG HG3  H N N 32  
ARG HD2  H N N 33  
ARG HD3  H N N 34  
ARG HE   H N N 35  
ARG HH11 H N N 36  
ARG HH12 H N N 37  
ARG HH21 H N N 38  
ARG HH22 H N N 39  
ARG HXT  H N N 40  
ASN N    N N N 41  
ASN CA   C N S 42  
ASN C    C N N 43  
ASN O    O N N 44  
ASN CB   C N N 45  
ASN CG   C N N 46  
ASN OD1  O N N 47  
ASN ND2  N N N 48  
ASN OXT  O N N 49  
ASN H    H N N 50  
ASN H2   H N N 51  
ASN HA   H N N 52  
ASN HB2  H N N 53  
ASN HB3  H N N 54  
ASN HD21 H N N 55  
ASN HD22 H N N 56  
ASN HXT  H N N 57  
ASP N    N N N 58  
ASP CA   C N S 59  
ASP C    C N N 60  
ASP O    O N N 61  
ASP CB   C N N 62  
ASP CG   C N N 63  
ASP OD1  O N N 64  
ASP OD2  O N N 65  
ASP OXT  O N N 66  
ASP H    H N N 67  
ASP H2   H N N 68  
ASP HA   H N N 69  
ASP HB2  H N N 70  
ASP HB3  H N N 71  
ASP HD2  H N N 72  
ASP HXT  H N N 73  
GLN N    N N N 74  
GLN CA   C N S 75  
GLN C    C N N 76  
GLN O    O N N 77  
GLN CB   C N N 78  
GLN CG   C N N 79  
GLN CD   C N N 80  
GLN OE1  O N N 81  
GLN NE2  N N N 82  
GLN OXT  O N N 83  
GLN H    H N N 84  
GLN H2   H N N 85  
GLN HA   H N N 86  
GLN HB2  H N N 87  
GLN HB3  H N N 88  
GLN HG2  H N N 89  
GLN HG3  H N N 90  
GLN HE21 H N N 91  
GLN HE22 H N N 92  
GLN HXT  H N N 93  
GLU N    N N N 94  
GLU CA   C N S 95  
GLU C    C N N 96  
GLU O    O N N 97  
GLU CB   C N N 98  
GLU CG   C N N 99  
GLU CD   C N N 100 
GLU OE1  O N N 101 
GLU OE2  O N N 102 
GLU OXT  O N N 103 
GLU H    H N N 104 
GLU H2   H N N 105 
GLU HA   H N N 106 
GLU HB2  H N N 107 
GLU HB3  H N N 108 
GLU HG2  H N N 109 
GLU HG3  H N N 110 
GLU HE2  H N N 111 
GLU HXT  H N N 112 
GLY N    N N N 113 
GLY CA   C N N 114 
GLY C    C N N 115 
GLY O    O N N 116 
GLY OXT  O N N 117 
GLY H    H N N 118 
GLY H2   H N N 119 
GLY HA2  H N N 120 
GLY HA3  H N N 121 
GLY HXT  H N N 122 
HIS N    N N N 123 
HIS CA   C N S 124 
HIS C    C N N 125 
HIS O    O N N 126 
HIS CB   C N N 127 
HIS CG   C Y N 128 
HIS ND1  N Y N 129 
HIS CD2  C Y N 130 
HIS CE1  C Y N 131 
HIS NE2  N Y N 132 
HIS OXT  O N N 133 
HIS H    H N N 134 
HIS H2   H N N 135 
HIS HA   H N N 136 
HIS HB2  H N N 137 
HIS HB3  H N N 138 
HIS HD1  H N N 139 
HIS HD2  H N N 140 
HIS HE1  H N N 141 
HIS HE2  H N N 142 
HIS HXT  H N N 143 
HOH O    O N N 144 
HOH H1   H N N 145 
HOH H2   H N N 146 
ILE N    N N N 147 
ILE CA   C N S 148 
ILE C    C N N 149 
ILE O    O N N 150 
ILE CB   C N S 151 
ILE CG1  C N N 152 
ILE CG2  C N N 153 
ILE CD1  C N N 154 
ILE OXT  O N N 155 
ILE H    H N N 156 
ILE H2   H N N 157 
ILE HA   H N N 158 
ILE HB   H N N 159 
ILE HG12 H N N 160 
ILE HG13 H N N 161 
ILE HG21 H N N 162 
ILE HG22 H N N 163 
ILE HG23 H N N 164 
ILE HD11 H N N 165 
ILE HD12 H N N 166 
ILE HD13 H N N 167 
ILE HXT  H N N 168 
LEU N    N N N 169 
LEU CA   C N S 170 
LEU C    C N N 171 
LEU O    O N N 172 
LEU CB   C N N 173 
LEU CG   C N N 174 
LEU CD1  C N N 175 
LEU CD2  C N N 176 
LEU OXT  O N N 177 
LEU H    H N N 178 
LEU H2   H N N 179 
LEU HA   H N N 180 
LEU HB2  H N N 181 
LEU HB3  H N N 182 
LEU HG   H N N 183 
LEU HD11 H N N 184 
LEU HD12 H N N 185 
LEU HD13 H N N 186 
LEU HD21 H N N 187 
LEU HD22 H N N 188 
LEU HD23 H N N 189 
LEU HXT  H N N 190 
LYS N    N N N 191 
LYS CA   C N S 192 
LYS C    C N N 193 
LYS O    O N N 194 
LYS CB   C N N 195 
LYS CG   C N N 196 
LYS CD   C N N 197 
LYS CE   C N N 198 
LYS NZ   N N N 199 
LYS OXT  O N N 200 
LYS H    H N N 201 
LYS H2   H N N 202 
LYS HA   H N N 203 
LYS HB2  H N N 204 
LYS HB3  H N N 205 
LYS HG2  H N N 206 
LYS HG3  H N N 207 
LYS HD2  H N N 208 
LYS HD3  H N N 209 
LYS HE2  H N N 210 
LYS HE3  H N N 211 
LYS HZ1  H N N 212 
LYS HZ2  H N N 213 
LYS HZ3  H N N 214 
LYS HXT  H N N 215 
PHE N    N N N 216 
PHE CA   C N S 217 
PHE C    C N N 218 
PHE O    O N N 219 
PHE CB   C N N 220 
PHE CG   C Y N 221 
PHE CD1  C Y N 222 
PHE CD2  C Y N 223 
PHE CE1  C Y N 224 
PHE CE2  C Y N 225 
PHE CZ   C Y N 226 
PHE OXT  O N N 227 
PHE H    H N N 228 
PHE H2   H N N 229 
PHE HA   H N N 230 
PHE HB2  H N N 231 
PHE HB3  H N N 232 
PHE HD1  H N N 233 
PHE HD2  H N N 234 
PHE HE1  H N N 235 
PHE HE2  H N N 236 
PHE HZ   H N N 237 
PHE HXT  H N N 238 
PRO N    N N N 239 
PRO CA   C N S 240 
PRO C    C N N 241 
PRO O    O N N 242 
PRO CB   C N N 243 
PRO CG   C N N 244 
PRO CD   C N N 245 
PRO OXT  O N N 246 
PRO H    H N N 247 
PRO HA   H N N 248 
PRO HB2  H N N 249 
PRO HB3  H N N 250 
PRO HG2  H N N 251 
PRO HG3  H N N 252 
PRO HD2  H N N 253 
PRO HD3  H N N 254 
PRO HXT  H N N 255 
SER N    N N N 256 
SER CA   C N S 257 
SER C    C N N 258 
SER O    O N N 259 
SER CB   C N N 260 
SER OG   O N N 261 
SER OXT  O N N 262 
SER H    H N N 263 
SER H2   H N N 264 
SER HA   H N N 265 
SER HB2  H N N 266 
SER HB3  H N N 267 
SER HG   H N N 268 
SER HXT  H N N 269 
TRP N    N N N 270 
TRP CA   C N S 271 
TRP C    C N N 272 
TRP O    O N N 273 
TRP CB   C N N 274 
TRP CG   C Y N 275 
TRP CD1  C Y N 276 
TRP CD2  C Y N 277 
TRP NE1  N Y N 278 
TRP CE2  C Y N 279 
TRP CE3  C Y N 280 
TRP CZ2  C Y N 281 
TRP CZ3  C Y N 282 
TRP CH2  C Y N 283 
TRP OXT  O N N 284 
TRP H    H N N 285 
TRP H2   H N N 286 
TRP HA   H N N 287 
TRP HB2  H N N 288 
TRP HB3  H N N 289 
TRP HD1  H N N 290 
TRP HE1  H N N 291 
TRP HE3  H N N 292 
TRP HZ2  H N N 293 
TRP HZ3  H N N 294 
TRP HH2  H N N 295 
TRP HXT  H N N 296 
TYR N    N N N 297 
TYR CA   C N S 298 
TYR C    C N N 299 
TYR O    O N N 300 
TYR CB   C N N 301 
TYR CG   C Y N 302 
TYR CD1  C Y N 303 
TYR CD2  C Y N 304 
TYR CE1  C Y N 305 
TYR CE2  C Y N 306 
TYR CZ   C Y N 307 
TYR OH   O N N 308 
TYR OXT  O N N 309 
TYR H    H N N 310 
TYR H2   H N N 311 
TYR HA   H N N 312 
TYR HB2  H N N 313 
TYR HB3  H N N 314 
TYR HD1  H N N 315 
TYR HD2  H N N 316 
TYR HE1  H N N 317 
TYR HE2  H N N 318 
TYR HH   H N N 319 
TYR HXT  H N N 320 
VAL N    N N N 321 
VAL CA   C N S 322 
VAL C    C N N 323 
VAL O    O N N 324 
VAL CB   C N N 325 
VAL CG1  C N N 326 
VAL CG2  C N N 327 
VAL OXT  O N N 328 
VAL H    H N N 329 
VAL H2   H N N 330 
VAL HA   H N N 331 
VAL HB   H N N 332 
VAL HG11 H N N 333 
VAL HG12 H N N 334 
VAL HG13 H N N 335 
VAL HG21 H N N 336 
VAL HG22 H N N 337 
VAL HG23 H N N 338 
VAL HXT  H N N 339 
# 
loop_
_chem_comp_bond.comp_id 
_chem_comp_bond.atom_id_1 
_chem_comp_bond.atom_id_2 
_chem_comp_bond.value_order 
_chem_comp_bond.pdbx_aromatic_flag 
_chem_comp_bond.pdbx_stereo_config 
_chem_comp_bond.pdbx_ordinal 
ALA N   CA   sing N N 1   
ALA N   H    sing N N 2   
ALA N   H2   sing N N 3   
ALA CA  C    sing N N 4   
ALA CA  CB   sing N N 5   
ALA CA  HA   sing N N 6   
ALA C   O    doub N N 7   
ALA C   OXT  sing N N 8   
ALA CB  HB1  sing N N 9   
ALA CB  HB2  sing N N 10  
ALA CB  HB3  sing N N 11  
ALA OXT HXT  sing N N 12  
ARG N   CA   sing N N 13  
ARG N   H    sing N N 14  
ARG N   H2   sing N N 15  
ARG CA  C    sing N N 16  
ARG CA  CB   sing N N 17  
ARG CA  HA   sing N N 18  
ARG C   O    doub N N 19  
ARG C   OXT  sing N N 20  
ARG CB  CG   sing N N 21  
ARG CB  HB2  sing N N 22  
ARG CB  HB3  sing N N 23  
ARG CG  CD   sing N N 24  
ARG CG  HG2  sing N N 25  
ARG CG  HG3  sing N N 26  
ARG CD  NE   sing N N 27  
ARG CD  HD2  sing N N 28  
ARG CD  HD3  sing N N 29  
ARG NE  CZ   sing N N 30  
ARG NE  HE   sing N N 31  
ARG CZ  NH1  sing N N 32  
ARG CZ  NH2  doub N N 33  
ARG NH1 HH11 sing N N 34  
ARG NH1 HH12 sing N N 35  
ARG NH2 HH21 sing N N 36  
ARG NH2 HH22 sing N N 37  
ARG OXT HXT  sing N N 38  
ASN N   CA   sing N N 39  
ASN N   H    sing N N 40  
ASN N   H2   sing N N 41  
ASN CA  C    sing N N 42  
ASN CA  CB   sing N N 43  
ASN CA  HA   sing N N 44  
ASN C   O    doub N N 45  
ASN C   OXT  sing N N 46  
ASN CB  CG   sing N N 47  
ASN CB  HB2  sing N N 48  
ASN CB  HB3  sing N N 49  
ASN CG  OD1  doub N N 50  
ASN CG  ND2  sing N N 51  
ASN ND2 HD21 sing N N 52  
ASN ND2 HD22 sing N N 53  
ASN OXT HXT  sing N N 54  
ASP N   CA   sing N N 55  
ASP N   H    sing N N 56  
ASP N   H2   sing N N 57  
ASP CA  C    sing N N 58  
ASP CA  CB   sing N N 59  
ASP CA  HA   sing N N 60  
ASP C   O    doub N N 61  
ASP C   OXT  sing N N 62  
ASP CB  CG   sing N N 63  
ASP CB  HB2  sing N N 64  
ASP CB  HB3  sing N N 65  
ASP CG  OD1  doub N N 66  
ASP CG  OD2  sing N N 67  
ASP OD2 HD2  sing N N 68  
ASP OXT HXT  sing N N 69  
GLN N   CA   sing N N 70  
GLN N   H    sing N N 71  
GLN N   H2   sing N N 72  
GLN CA  C    sing N N 73  
GLN CA  CB   sing N N 74  
GLN CA  HA   sing N N 75  
GLN C   O    doub N N 76  
GLN C   OXT  sing N N 77  
GLN CB  CG   sing N N 78  
GLN CB  HB2  sing N N 79  
GLN CB  HB3  sing N N 80  
GLN CG  CD   sing N N 81  
GLN CG  HG2  sing N N 82  
GLN CG  HG3  sing N N 83  
GLN CD  OE1  doub N N 84  
GLN CD  NE2  sing N N 85  
GLN NE2 HE21 sing N N 86  
GLN NE2 HE22 sing N N 87  
GLN OXT HXT  sing N N 88  
GLU N   CA   sing N N 89  
GLU N   H    sing N N 90  
GLU N   H2   sing N N 91  
GLU CA  C    sing N N 92  
GLU CA  CB   sing N N 93  
GLU CA  HA   sing N N 94  
GLU C   O    doub N N 95  
GLU C   OXT  sing N N 96  
GLU CB  CG   sing N N 97  
GLU CB  HB2  sing N N 98  
GLU CB  HB3  sing N N 99  
GLU CG  CD   sing N N 100 
GLU CG  HG2  sing N N 101 
GLU CG  HG3  sing N N 102 
GLU CD  OE1  doub N N 103 
GLU CD  OE2  sing N N 104 
GLU OE2 HE2  sing N N 105 
GLU OXT HXT  sing N N 106 
GLY N   CA   sing N N 107 
GLY N   H    sing N N 108 
GLY N   H2   sing N N 109 
GLY CA  C    sing N N 110 
GLY CA  HA2  sing N N 111 
GLY CA  HA3  sing N N 112 
GLY C   O    doub N N 113 
GLY C   OXT  sing N N 114 
GLY OXT HXT  sing N N 115 
HIS N   CA   sing N N 116 
HIS N   H    sing N N 117 
HIS N   H2   sing N N 118 
HIS CA  C    sing N N 119 
HIS CA  CB   sing N N 120 
HIS CA  HA   sing N N 121 
HIS C   O    doub N N 122 
HIS C   OXT  sing N N 123 
HIS CB  CG   sing N N 124 
HIS CB  HB2  sing N N 125 
HIS CB  HB3  sing N N 126 
HIS CG  ND1  sing Y N 127 
HIS CG  CD2  doub Y N 128 
HIS ND1 CE1  doub Y N 129 
HIS ND1 HD1  sing N N 130 
HIS CD2 NE2  sing Y N 131 
HIS CD2 HD2  sing N N 132 
HIS CE1 NE2  sing Y N 133 
HIS CE1 HE1  sing N N 134 
HIS NE2 HE2  sing N N 135 
HIS OXT HXT  sing N N 136 
HOH O   H1   sing N N 137 
HOH O   H2   sing N N 138 
ILE N   CA   sing N N 139 
ILE N   H    sing N N 140 
ILE N   H2   sing N N 141 
ILE CA  C    sing N N 142 
ILE CA  CB   sing N N 143 
ILE CA  HA   sing N N 144 
ILE C   O    doub N N 145 
ILE C   OXT  sing N N 146 
ILE CB  CG1  sing N N 147 
ILE CB  CG2  sing N N 148 
ILE CB  HB   sing N N 149 
ILE CG1 CD1  sing N N 150 
ILE CG1 HG12 sing N N 151 
ILE CG1 HG13 sing N N 152 
ILE CG2 HG21 sing N N 153 
ILE CG2 HG22 sing N N 154 
ILE CG2 HG23 sing N N 155 
ILE CD1 HD11 sing N N 156 
ILE CD1 HD12 sing N N 157 
ILE CD1 HD13 sing N N 158 
ILE OXT HXT  sing N N 159 
LEU N   CA   sing N N 160 
LEU N   H    sing N N 161 
LEU N   H2   sing N N 162 
LEU CA  C    sing N N 163 
LEU CA  CB   sing N N 164 
LEU CA  HA   sing N N 165 
LEU C   O    doub N N 166 
LEU C   OXT  sing N N 167 
LEU CB  CG   sing N N 168 
LEU CB  HB2  sing N N 169 
LEU CB  HB3  sing N N 170 
LEU CG  CD1  sing N N 171 
LEU CG  CD2  sing N N 172 
LEU CG  HG   sing N N 173 
LEU CD1 HD11 sing N N 174 
LEU CD1 HD12 sing N N 175 
LEU CD1 HD13 sing N N 176 
LEU CD2 HD21 sing N N 177 
LEU CD2 HD22 sing N N 178 
LEU CD2 HD23 sing N N 179 
LEU OXT HXT  sing N N 180 
LYS N   CA   sing N N 181 
LYS N   H    sing N N 182 
LYS N   H2   sing N N 183 
LYS CA  C    sing N N 184 
LYS CA  CB   sing N N 185 
LYS CA  HA   sing N N 186 
LYS C   O    doub N N 187 
LYS C   OXT  sing N N 188 
LYS CB  CG   sing N N 189 
LYS CB  HB2  sing N N 190 
LYS CB  HB3  sing N N 191 
LYS CG  CD   sing N N 192 
LYS CG  HG2  sing N N 193 
LYS CG  HG3  sing N N 194 
LYS CD  CE   sing N N 195 
LYS CD  HD2  sing N N 196 
LYS CD  HD3  sing N N 197 
LYS CE  NZ   sing N N 198 
LYS CE  HE2  sing N N 199 
LYS CE  HE3  sing N N 200 
LYS NZ  HZ1  sing N N 201 
LYS NZ  HZ2  sing N N 202 
LYS NZ  HZ3  sing N N 203 
LYS OXT HXT  sing N N 204 
PHE N   CA   sing N N 205 
PHE N   H    sing N N 206 
PHE N   H2   sing N N 207 
PHE CA  C    sing N N 208 
PHE CA  CB   sing N N 209 
PHE CA  HA   sing N N 210 
PHE C   O    doub N N 211 
PHE C   OXT  sing N N 212 
PHE CB  CG   sing N N 213 
PHE CB  HB2  sing N N 214 
PHE CB  HB3  sing N N 215 
PHE CG  CD1  doub Y N 216 
PHE CG  CD2  sing Y N 217 
PHE CD1 CE1  sing Y N 218 
PHE CD1 HD1  sing N N 219 
PHE CD2 CE2  doub Y N 220 
PHE CD2 HD2  sing N N 221 
PHE CE1 CZ   doub Y N 222 
PHE CE1 HE1  sing N N 223 
PHE CE2 CZ   sing Y N 224 
PHE CE2 HE2  sing N N 225 
PHE CZ  HZ   sing N N 226 
PHE OXT HXT  sing N N 227 
PRO N   CA   sing N N 228 
PRO N   CD   sing N N 229 
PRO N   H    sing N N 230 
PRO CA  C    sing N N 231 
PRO CA  CB   sing N N 232 
PRO CA  HA   sing N N 233 
PRO C   O    doub N N 234 
PRO C   OXT  sing N N 235 
PRO CB  CG   sing N N 236 
PRO CB  HB2  sing N N 237 
PRO CB  HB3  sing N N 238 
PRO CG  CD   sing N N 239 
PRO CG  HG2  sing N N 240 
PRO CG  HG3  sing N N 241 
PRO CD  HD2  sing N N 242 
PRO CD  HD3  sing N N 243 
PRO OXT HXT  sing N N 244 
SER N   CA   sing N N 245 
SER N   H    sing N N 246 
SER N   H2   sing N N 247 
SER CA  C    sing N N 248 
SER CA  CB   sing N N 249 
SER CA  HA   sing N N 250 
SER C   O    doub N N 251 
SER C   OXT  sing N N 252 
SER CB  OG   sing N N 253 
SER CB  HB2  sing N N 254 
SER CB  HB3  sing N N 255 
SER OG  HG   sing N N 256 
SER OXT HXT  sing N N 257 
TRP N   CA   sing N N 258 
TRP N   H    sing N N 259 
TRP N   H2   sing N N 260 
TRP CA  C    sing N N 261 
TRP CA  CB   sing N N 262 
TRP CA  HA   sing N N 263 
TRP C   O    doub N N 264 
TRP C   OXT  sing N N 265 
TRP CB  CG   sing N N 266 
TRP CB  HB2  sing N N 267 
TRP CB  HB3  sing N N 268 
TRP CG  CD1  doub Y N 269 
TRP CG  CD2  sing Y N 270 
TRP CD1 NE1  sing Y N 271 
TRP CD1 HD1  sing N N 272 
TRP CD2 CE2  doub Y N 273 
TRP CD2 CE3  sing Y N 274 
TRP NE1 CE2  sing Y N 275 
TRP NE1 HE1  sing N N 276 
TRP CE2 CZ2  sing Y N 277 
TRP CE3 CZ3  doub Y N 278 
TRP CE3 HE3  sing N N 279 
TRP CZ2 CH2  doub Y N 280 
TRP CZ2 HZ2  sing N N 281 
TRP CZ3 CH2  sing Y N 282 
TRP CZ3 HZ3  sing N N 283 
TRP CH2 HH2  sing N N 284 
TRP OXT HXT  sing N N 285 
TYR N   CA   sing N N 286 
TYR N   H    sing N N 287 
TYR N   H2   sing N N 288 
TYR CA  C    sing N N 289 
TYR CA  CB   sing N N 290 
TYR CA  HA   sing N N 291 
TYR C   O    doub N N 292 
TYR C   OXT  sing N N 293 
TYR CB  CG   sing N N 294 
TYR CB  HB2  sing N N 295 
TYR CB  HB3  sing N N 296 
TYR CG  CD1  doub Y N 297 
TYR CG  CD2  sing Y N 298 
TYR CD1 CE1  sing Y N 299 
TYR CD1 HD1  sing N N 300 
TYR CD2 CE2  doub Y N 301 
TYR CD2 HD2  sing N N 302 
TYR CE1 CZ   doub Y N 303 
TYR CE1 HE1  sing N N 304 
TYR CE2 CZ   sing Y N 305 
TYR CE2 HE2  sing N N 306 
TYR CZ  OH   sing N N 307 
TYR OH  HH   sing N N 308 
TYR OXT HXT  sing N N 309 
VAL N   CA   sing N N 310 
VAL N   H    sing N N 311 
VAL N   H2   sing N N 312 
VAL CA  C    sing N N 313 
VAL CA  CB   sing N N 314 
VAL CA  HA   sing N N 315 
VAL C   O    doub N N 316 
VAL C   OXT  sing N N 317 
VAL CB  CG1  sing N N 318 
VAL CB  CG2  sing N N 319 
VAL CB  HB   sing N N 320 
VAL CG1 HG11 sing N N 321 
VAL CG1 HG12 sing N N 322 
VAL CG1 HG13 sing N N 323 
VAL CG2 HG21 sing N N 324 
VAL CG2 HG22 sing N N 325 
VAL CG2 HG23 sing N N 326 
VAL OXT HXT  sing N N 327 
# 
_atom_sites.entry_id                    1VJK 
_atom_sites.fract_transf_matrix[1][1]   -0.01073215 
_atom_sites.fract_transf_matrix[1][2]   0.00921176 
_atom_sites.fract_transf_matrix[1][3]   0.00129011 
_atom_sites.fract_transf_matrix[2][1]   0.00178294 
_atom_sites.fract_transf_matrix[2][2]   0.01355787 
_atom_sites.fract_transf_matrix[2][3]   -0.00382691 
_atom_sites.fract_transf_matrix[3][1]   -0.00474108 
_atom_sites.fract_transf_matrix[3][2]   -0.00348506 
_atom_sites.fract_transf_matrix[3][3]   -0.01455564 
_atom_sites.fract_transf_vector[1]      0.704693 
_atom_sites.fract_transf_vector[2]      0.632301 
_atom_sites.fract_transf_vector[3]      0.017068 
# 
loop_
_atom_type.symbol 
C 
N 
O 
# 
loop_
_atom_site.group_PDB 
_atom_site.id 
_atom_site.type_symbol 
_atom_site.label_atom_id 
_atom_site.label_alt_id 
_atom_site.label_comp_id 
_atom_site.label_asym_id 
_atom_site.label_entity_id 
_atom_site.label_seq_id 
_atom_site.pdbx_PDB_ins_code 
_atom_site.Cartn_x 
_atom_site.Cartn_y 
_atom_site.Cartn_z 
_atom_site.occupancy 
_atom_site.B_iso_or_equiv 
_atom_site.pdbx_formal_charge 
_atom_site.auth_seq_id 
_atom_site.auth_comp_id 
_atom_site.auth_asym_id 
_atom_site.auth_atom_id 
_atom_site.pdbx_PDB_model_num 
ATOM   1   N N   . SER A 1 9  ? 18.223  -0.365  -2.245  1.00 22.48 ? 1   SER A N   1 
ATOM   2   C CA  . SER A 1 9  ? 16.891  0.039   -1.668  1.00 23.77 ? 1   SER A CA  1 
ATOM   3   C C   . SER A 1 9  ? 15.943  0.647   -2.715  1.00 24.58 ? 1   SER A C   1 
ATOM   4   O O   . SER A 1 9  ? 16.381  1.280   -3.693  1.00 26.32 ? 1   SER A O   1 
ATOM   5   C CB  . SER A 1 9  ? 17.099  1.029   -0.517  1.00 27.90 ? 1   SER A CB  1 
ATOM   6   O OG  . SER A 1 9  ? 16.007  1.004   0.386   1.00 32.02 ? 1   SER A OG  1 
ATOM   7   N N   . VAL A 1 10 ? 14.644  0.435   -2.505  1.00 15.17 ? 2   VAL A N   1 
ATOM   8   C CA  . VAL A 1 10 ? 13.584  1.004   -3.341  1.00 17.07 ? 2   VAL A CA  1 
ATOM   9   C C   . VAL A 1 10 ? 12.726  1.875   -2.406  1.00 15.76 ? 2   VAL A C   1 
ATOM   10  O O   . VAL A 1 10 ? 12.168  1.355   -1.436  1.00 20.45 ? 2   VAL A O   1 
ATOM   11  C CB  . VAL A 1 10 ? 12.759  -0.137  -3.977  1.00 20.36 ? 2   VAL A CB  1 
ATOM   12  C CG1 . VAL A 1 10 ? 11.404  0.329   -4.492  1.00 24.49 ? 2   VAL A CG1 1 
ATOM   13  C CG2 . VAL A 1 10 ? 13.567  -0.780  -5.109  1.00 21.47 ? 2   VAL A CG2 1 
ATOM   14  N N   . LYS A 1 11 ? 12.640  3.178   -2.674  1.00 9.10  ? 3   LYS A N   1 
ATOM   15  C CA  . LYS A 1 11 ? 11.853  4.064   -1.829  1.00 9.29  ? 3   LYS A CA  1 
ATOM   16  C C   . LYS A 1 11 ? 10.568  4.427   -2.535  1.00 9.64  ? 3   LYS A C   1 
ATOM   17  O O   . LYS A 1 11 ? 10.602  5.006   -3.644  1.00 10.36 ? 3   LYS A O   1 
ATOM   18  C CB  . LYS A 1 11 ? 12.629  5.332   -1.448  1.00 9.91  ? 3   LYS A CB  1 
ATOM   19  C CG  . LYS A 1 11 ? 11.877  6.183   -0.403  1.00 11.69 ? 3   LYS A CG  1 
ATOM   20  C CD  . LYS A 1 11 ? 12.768  7.225   0.223   1.00 16.23 ? 3   LYS A CD  1 
ATOM   21  C CE  . LYS A 1 11 ? 12.934  8.372   -0.718  1.00 19.14 ? 3   LYS A CE  1 
ATOM   22  N NZ  . LYS A 1 11 ? 14.030  9.249   -0.208  1.00 23.53 ? 3   LYS A NZ  1 
ATOM   23  N N   . VAL A 1 12 ? 9.442   4.083   -1.926  1.00 9.47  ? 4   VAL A N   1 
ATOM   24  C CA  . VAL A 1 12 ? 8.138   4.371   -2.514  1.00 9.07  ? 4   VAL A CA  1 
ATOM   25  C C   . VAL A 1 12 ? 7.411   5.394   -1.666  1.00 10.16 ? 4   VAL A C   1 
ATOM   26  O O   . VAL A 1 12 ? 7.634   5.496   -0.436  1.00 11.73 ? 4   VAL A O   1 
ATOM   27  C CB  . VAL A 1 12 ? 7.287   3.089   -2.704  1.00 11.08 ? 4   VAL A CB  1 
ATOM   28  C CG1 . VAL A 1 12 ? 8.035   2.082   -3.575  1.00 12.09 ? 4   VAL A CG1 1 
ATOM   29  C CG2 . VAL A 1 12 ? 6.962   2.480   -1.387  1.00 13.00 ? 4   VAL A CG2 1 
ATOM   30  N N   . LYS A 1 13 ? 6.547   6.167   -2.289  1.00 8.37  ? 5   LYS A N   1 
ATOM   31  C CA  . LYS A 1 13 ? 5.731   7.143   -1.612  1.00 8.63  ? 5   LYS A CA  1 
ATOM   32  C C   . LYS A 1 13 ? 4.364   6.539   -1.449  1.00 10.75 ? 5   LYS A C   1 
ATOM   33  O O   . LYS A 1 13 ? 3.686   6.263   -2.449  1.00 10.03 ? 5   LYS A O   1 
ATOM   34  C CB  . LYS A 1 13 ? 5.637   8.424   -2.443  1.00 12.90 ? 5   LYS A CB  1 
ATOM   35  C CG  . LYS A 1 13 ? 4.752   9.520   -1.848  1.00 16.78 ? 5   LYS A CG  1 
ATOM   36  C CD  . LYS A 1 13 ? 4.897   10.812  -2.678  1.00 19.69 ? 5   LYS A CD  1 
ATOM   37  C CE  . LYS A 1 13 ? 4.035   11.932  -2.136  1.00 25.25 ? 5   LYS A CE  1 
ATOM   38  N NZ  . LYS A 1 13 ? 4.137   13.167  -2.958  1.00 27.18 ? 5   LYS A NZ  1 
ATOM   39  N N   . VAL A 1 14 ? 3.936   6.330   -0.219  1.00 8.53  ? 6   VAL A N   1 
ATOM   40  C CA  . VAL A 1 14 ? 2.622   5.780   0.074   1.00 8.87  ? 6   VAL A CA  1 
ATOM   41  C C   . VAL A 1 14 ? 1.658   6.890   0.409   1.00 9.59  ? 6   VAL A C   1 
ATOM   42  O O   . VAL A 1 14 ? 1.966   7.713   1.273   1.00 12.22 ? 6   VAL A O   1 
ATOM   43  C CB  . VAL A 1 14 ? 2.667   4.745   1.228   1.00 9.18  ? 6   VAL A CB  1 
ATOM   44  C CG1 . VAL A 1 14 ? 1.280   4.181   1.519   1.00 10.46 ? 6   VAL A CG1 1 
ATOM   45  C CG2 . VAL A 1 14 ? 3.666   3.625   0.905   1.00 9.93  ? 6   VAL A CG2 1 
ATOM   46  N N   . LYS A 1 15 ? 0.516   6.937   -0.289  1.00 9.65  ? 7   LYS A N   1 
ATOM   47  C CA  . LYS A 1 15 ? -0.516  7.944   -0.024  1.00 10.12 ? 7   LYS A CA  1 
ATOM   48  C C   . LYS A 1 15 ? -1.727  7.228   0.529   1.00 9.91  ? 7   LYS A C   1 
ATOM   49  O O   . LYS A 1 15 ? -2.294  6.338   -0.129  1.00 10.64 ? 7   LYS A O   1 
ATOM   50  C CB  . LYS A 1 15 ? -0.878  8.735   -1.294  1.00 11.82 ? 7   LYS A CB  1 
ATOM   51  C CG  . LYS A 1 15 ? 0.270   9.536   -1.922  1.00 14.38 ? 7   LYS A CG  1 
ATOM   52  C CD  . LYS A 1 15 ? -0.213  10.283  -3.159  1.00 18.58 ? 7   LYS A CD  1 
ATOM   53  C CE  . LYS A 1 15 ? 0.829   11.271  -3.663  1.00 24.46 ? 7   LYS A CE  1 
ATOM   54  N N   . TYR A 1 16 ? -2.125  7.602   1.734   1.00 8.67  ? 8   TYR A N   1 
ATOM   55  C CA  . TYR A 1 16 ? -3.318  7.039   2.369   1.00 7.65  ? 8   TYR A CA  1 
ATOM   56  C C   . TYR A 1 16 ? -4.510  7.915   2.112   1.00 7.41  ? 8   TYR A C   1 
ATOM   57  O O   . TYR A 1 16 ? -4.394  9.153   2.060   1.00 10.51 ? 8   TYR A O   1 
ATOM   58  C CB  . TYR A 1 16 ? -3.080  6.947   3.886   1.00 9.32  ? 8   TYR A CB  1 
ATOM   59  C CG  . TYR A 1 16 ? -1.913  6.072   4.255   1.00 7.46  ? 8   TYR A CG  1 
ATOM   60  C CD1 . TYR A 1 16 ? -2.040  4.680   4.273   1.00 7.64  ? 8   TYR A CD1 1 
ATOM   61  C CD2 . TYR A 1 16 ? -0.699  6.624   4.606   1.00 8.94  ? 8   TYR A CD2 1 
ATOM   62  C CE1 . TYR A 1 16 ? -0.979  3.854   4.602   1.00 10.89 ? 8   TYR A CE1 1 
ATOM   63  C CE2 . TYR A 1 16 ? 0.390   5.810   4.966   1.00 8.42  ? 8   TYR A CE2 1 
ATOM   64  C CZ  . TYR A 1 16 ? 0.225   4.415   4.953   1.00 9.96  ? 8   TYR A CZ  1 
ATOM   65  O OH  . TYR A 1 16 ? 1.308   3.600   5.283   1.00 12.17 ? 8   TYR A OH  1 
ATOM   66  N N   . PHE A 1 17 ? -5.674  7.267   1.992   1.00 8.37  ? 9   PHE A N   1 
ATOM   67  C CA  . PHE A 1 17 ? -6.912  7.970   1.721   1.00 8.85  ? 9   PHE A CA  1 
ATOM   68  C C   . PHE A 1 17 ? -7.980  7.671   2.737   1.00 8.81  ? 9   PHE A C   1 
ATOM   69  O O   . PHE A 1 17 ? -8.040  6.577   3.293   1.00 8.38  ? 9   PHE A O   1 
ATOM   70  C CB  . PHE A 1 17 ? -7.432  7.582   0.323   1.00 11.07 ? 9   PHE A CB  1 
ATOM   71  C CG  . PHE A 1 17 ? -6.569  8.075   -0.793  1.00 14.07 ? 9   PHE A CG  1 
ATOM   72  C CD1 . PHE A 1 17 ? -6.867  9.283   -1.428  1.00 18.58 ? 9   PHE A CD1 1 
ATOM   73  C CD2 . PHE A 1 17 ? -5.459  7.335   -1.218  1.00 13.80 ? 9   PHE A CD2 1 
ATOM   74  C CE1 . PHE A 1 17 ? -6.072  9.752   -2.475  1.00 20.53 ? 9   PHE A CE1 1 
ATOM   75  C CE2 . PHE A 1 17 ? -4.647  7.795   -2.249  1.00 14.73 ? 9   PHE A CE2 1 
ATOM   76  C CZ  . PHE A 1 17 ? -4.959  9.007   -2.887  1.00 20.19 ? 9   PHE A CZ  1 
ATOM   77  N N   . ALA A 1 18 ? -8.859  8.651   2.941   1.00 9.04  ? 10  ALA A N   1 
ATOM   78  C CA  . ALA A 1 18 ? -10.057 8.476   3.759   1.00 8.07  ? 10  ALA A CA  1 
ATOM   79  C C   . ALA A 1 18 ? -9.685  7.926   5.145   1.00 9.04  ? 10  ALA A C   1 
ATOM   80  O O   . ALA A 1 18 ? -8.770  8.464   5.781   1.00 8.85  ? 10  ALA A O   1 
ATOM   81  C CB  . ALA A 1 18 ? -11.091 7.613   3.039   1.00 11.72 ? 10  ALA A CB  1 
ATOM   82  N N   . ARG A 1 19 ? -10.366 6.879   5.626   1.00 7.97  ? 11  ARG A N   1 
ATOM   83  C CA  . ARG A 1 19 ? -10.125 6.487   7.029   1.00 7.44  ? 11  ARG A CA  1 
ATOM   84  C C   . ARG A 1 19 ? -8.732  5.946   7.251   1.00 8.03  ? 11  ARG A C   1 
ATOM   85  O O   . ARG A 1 19 ? -8.250  5.923   8.382   1.00 8.59  ? 11  ARG A O   1 
ATOM   86  C CB  . ARG A 1 19 ? -11.186 5.515   7.547   1.00 8.23  ? 11  ARG A CB  1 
ATOM   87  C CG  . ARG A 1 19 ? -11.106 4.114   7.017   1.00 9.25  ? 11  ARG A CG  1 
ATOM   88  C CD  . ARG A 1 19 ? -12.274 3.303   7.526   1.00 8.72  ? 11  ARG A CD  1 
ATOM   89  N NE  . ARG A 1 19 ? -12.288 1.966   6.964   1.00 9.45  ? 11  ARG A NE  1 
ATOM   90  C CZ  . ARG A 1 19 ? -11.675 0.909   7.515   1.00 9.50  ? 11  ARG A CZ  1 
ATOM   91  N NH1 . ARG A 1 19 ? -11.003 1.020   8.667   1.00 8.26  ? 11  ARG A NH1 1 
ATOM   92  N NH2 . ARG A 1 19 ? -11.750 -0.278  6.876   1.00 10.06 ? 11  ARG A NH2 1 
ATOM   93  N N   . PHE A 1 20 ? -8.055  5.541   6.179   1.00 7.80  ? 12  PHE A N   1 
ATOM   94  C CA  . PHE A 1 20 ? -6.695  4.989   6.316   1.00 7.18  ? 12  PHE A CA  1 
ATOM   95  C C   . PHE A 1 20 ? -5.678  6.049   6.668   1.00 10.09 ? 12  PHE A C   1 
ATOM   96  O O   . PHE A 1 20 ? -4.603  5.716   7.170   1.00 10.87 ? 12  PHE A O   1 
ATOM   97  C CB  . PHE A 1 20 ? -6.340  4.157   5.073   1.00 7.34  ? 12  PHE A CB  1 
ATOM   98  C CG  . PHE A 1 20 ? -7.300  3.048   4.863   1.00 8.30  ? 12  PHE A CG  1 
ATOM   99  C CD1 . PHE A 1 20 ? -7.504  2.108   5.858   1.00 10.95 ? 12  PHE A CD1 1 
ATOM   100 C CD2 . PHE A 1 20 ? -8.086  2.970   3.708   1.00 9.80  ? 12  PHE A CD2 1 
ATOM   101 C CE1 . PHE A 1 20 ? -8.448  1.101   5.735   1.00 10.25 ? 12  PHE A CE1 1 
ATOM   102 C CE2 . PHE A 1 20 ? -9.033  1.946   3.576   1.00 12.19 ? 12  PHE A CE2 1 
ATOM   103 C CZ  . PHE A 1 20 ? -9.208  1.005   4.590   1.00 9.37  ? 12  PHE A CZ  1 
ATOM   104 N N   . ARG A 1 21 ? -6.029  7.317   6.464   1.00 9.30  ? 13  ARG A N   1 
ATOM   105 C CA  . ARG A 1 21 ? -5.208  8.419   6.974   1.00 9.47  ? 13  ARG A CA  1 
ATOM   106 C C   . ARG A 1 21 ? -5.185  8.401   8.493   1.00 11.38 ? 13  ARG A C   1 
ATOM   107 O O   . ARG A 1 21 ? -4.151  8.734   9.092   1.00 11.20 ? 13  ARG A O   1 
ATOM   108 C CB  . ARG A 1 21 ? -5.753  9.766   6.485   1.00 12.20 ? 13  ARG A CB  1 
ATOM   109 C CG  . ARG A 1 21 ? -5.592  9.941   5.003   1.00 12.80 ? 13  ARG A CG  1 
ATOM   110 C CD  . ARG A 1 21 ? -6.230  11.198  4.452   1.00 13.95 ? 13  ARG A CD  1 
ATOM   111 N NE  . ARG A 1 21 ? -5.646  11.547  3.156   1.00 15.55 ? 13  ARG A NE  1 
ATOM   112 C CZ  . ARG A 1 21 ? -5.827  12.707  2.529   1.00 18.90 ? 13  ARG A CZ  1 
ATOM   113 N NH1 . ARG A 1 21 ? -6.577  13.662  3.076   1.00 18.58 ? 13  ARG A NH1 1 
ATOM   114 N NH2 . ARG A 1 21 ? -5.232  12.916  1.359   1.00 21.76 ? 13  ARG A NH2 1 
ATOM   115 N N   . GLN A 1 22 ? -6.311  8.061   9.137   1.00 9.70  ? 14  GLN A N   1 
ATOM   116 C CA  . GLN A 1 22 ? -6.315  7.942   10.580  1.00 10.10 ? 14  GLN A CA  1 
ATOM   117 C C   . GLN A 1 22 ? -5.622  6.720   11.063  1.00 11.11 ? 14  GLN A C   1 
ATOM   118 O O   . GLN A 1 22 ? -4.946  6.784   12.078  1.00 13.28 ? 14  GLN A O   1 
ATOM   119 C CB  . GLN A 1 22 ? -7.721  7.973   11.179  1.00 10.48 ? 14  GLN A CB  1 
ATOM   120 C CG  . GLN A 1 22 ? -8.333  9.349   11.289  1.00 13.58 ? 14  GLN A CG  1 
ATOM   121 C CD  . GLN A 1 22 ? -8.498  10.007  9.956   1.00 15.78 ? 14  GLN A CD  1 
ATOM   122 O OE1 . GLN A 1 22 ? -9.296  9.549   9.118   1.00 17.99 ? 14  GLN A OE1 1 
ATOM   123 N NE2 . GLN A 1 22 ? -7.738  11.078  9.721   1.00 16.88 ? 14  GLN A NE2 1 
ATOM   124 N N   . LEU A 1 23 ? -5.779  5.593   10.362  1.00 11.22 ? 15  LEU A N   1 
ATOM   125 C CA  . LEU A 1 23 ? -5.077  4.381   10.787  1.00 12.02 ? 15  LEU A CA  1 
ATOM   126 C C   . LEU A 1 23 ? -3.563  4.526   10.680  1.00 12.43 ? 15  LEU A C   1 
ATOM   127 O O   . LEU A 1 23 ? -2.830  4.026   11.532  1.00 15.60 ? 15  LEU A O   1 
ATOM   128 C CB  . LEU A 1 23 ? -5.520  3.179   9.949   1.00 13.32 ? 15  LEU A CB  1 
ATOM   129 C CG  . LEU A 1 23 ? -6.956  2.687   10.065  1.00 15.32 ? 15  LEU A CG  1 
ATOM   130 C CD1 . LEU A 1 23 ? -7.007  1.242   9.512   1.00 14.48 ? 15  LEU A CD1 1 
ATOM   131 C CD2 . LEU A 1 23 ? -7.540  2.773   11.482  1.00 18.56 ? 15  LEU A CD2 1 
ATOM   132 N N   . ALA A 1 24 ? -3.087  5.172   9.609   1.00 9.99  ? 16  ALA A N   1 
ATOM   133 C CA  . ALA A 1 24 ? -1.654  5.373   9.442   1.00 9.15  ? 16  ALA A CA  1 
ATOM   134 C C   . ALA A 1 24 ? -1.122  6.507   10.309  1.00 11.80 ? 16  ALA A C   1 
ATOM   135 O O   . ALA A 1 24 ? 0.083   6.565   10.591  1.00 15.07 ? 16  ALA A O   1 
ATOM   136 C CB  . ALA A 1 24 ? -1.284  5.636   7.958   1.00 9.93  ? 16  ALA A CB  1 
ATOM   137 N N   . GLY A 1 25 ? -2.002  7.431   10.692  1.00 10.62 ? 17  GLY A N   1 
ATOM   138 C CA  . GLY A 1 25 ? -1.579  8.623   11.434  1.00 11.61 ? 17  GLY A CA  1 
ATOM   139 C C   . GLY A 1 25 ? -0.946  9.728   10.602  1.00 11.31 ? 17  GLY A C   1 
ATOM   140 O O   . GLY A 1 25 ? -0.521  10.753  11.161  1.00 14.49 ? 17  GLY A O   1 
ATOM   141 N N   . VAL A 1 26 ? -0.811  9.515   9.298   1.00 11.36 ? 18  VAL A N   1 
ATOM   142 C CA  . VAL A 1 26 ? -0.249  10.468  8.326   1.00 13.87 ? 18  VAL A CA  1 
ATOM   143 C C   . VAL A 1 26 ? -1.001  10.347  7.019   1.00 11.86 ? 18  VAL A C   1 
ATOM   144 O O   . VAL A 1 26 ? -1.597  9.293   6.710   1.00 13.83 ? 18  VAL A O   1 
ATOM   145 C CB  . VAL A 1 26 ? 1.238   10.207  7.972   1.00 15.29 ? 18  VAL A CB  1 
ATOM   146 C CG1 . VAL A 1 26 ? 2.098   10.745  8.997   1.00 12.88 ? 18  VAL A CG1 1 
ATOM   147 C CG2 . VAL A 1 26 ? 1.526   8.702   7.738   1.00 11.86 ? 18  VAL A CG2 1 
ATOM   148 N N   . ASP A 1 27 ? -0.928  11.385  6.202   1.00 12.69 ? 19  ASP A N   1 
ATOM   149 C CA  . ASP A 1 27 ? -1.579  11.369  4.911   1.00 13.52 ? 19  ASP A CA  1 
ATOM   150 C C   . ASP A 1 27 ? -0.717  10.646  3.889   1.00 13.78 ? 19  ASP A C   1 
ATOM   151 O O   . ASP A 1 27 ? -1.221  10.061  2.932   1.00 13.71 ? 19  ASP A O   1 
ATOM   152 C CB  . ASP A 1 27 ? -1.878  12.794  4.442   1.00 14.44 ? 19  ASP A CB  1 
ATOM   153 C CG  . ASP A 1 27 ? -3.006  13.460  5.213   1.00 19.32 ? 19  ASP A CG  1 
ATOM   154 O OD1 . ASP A 1 27 ? -3.684  12.820  6.055   1.00 17.97 ? 19  ASP A OD1 1 
ATOM   155 O OD2 . ASP A 1 27 ? -3.259  14.665  5.038   1.00 21.34 ? 19  ASP A OD2 1 
ATOM   156 N N   . GLU A 1 28 ? 0.596   10.640  4.116   1.00 11.04 ? 20  GLU A N   1 
ATOM   157 C CA  . GLU A 1 28 ? 1.542   10.012  3.206   1.00 11.95 ? 20  GLU A CA  1 
ATOM   158 C C   . GLU A 1 28 ? 2.805   9.695   3.953   1.00 8.62  ? 20  GLU A C   1 
ATOM   159 O O   . GLU A 1 28 ? 3.097   10.293  4.995   1.00 11.37 ? 20  GLU A O   1 
ATOM   160 C CB  . GLU A 1 28 ? 1.829   10.876  1.978   1.00 17.20 ? 20  GLU A CB  1 
ATOM   161 C CG  . GLU A 1 28 ? 2.494   12.210  2.238   1.00 21.77 ? 20  GLU A CG  1 
ATOM   162 C CD  . GLU A 1 28 ? 2.764   12.981  0.958   1.00 27.20 ? 20  GLU A CD  1 
ATOM   163 O OE1 . GLU A 1 28 ? 1.815   13.202  0.174   1.00 27.15 ? 20  GLU A OE1 1 
ATOM   164 O OE2 . GLU A 1 28 ? 3.932   13.357  0.728   1.00 29.88 ? 20  GLU A OE2 1 
ATOM   165 N N   . GLU A 1 29 ? 3.571   8.750   3.423   1.00 9.61  ? 21  GLU A N   1 
ATOM   166 C CA  . GLU A 1 29 ? 4.833   8.368   4.022   1.00 9.51  ? 21  GLU A CA  1 
ATOM   167 C C   . GLU A 1 29 ? 5.720   7.704   3.008   1.00 9.57  ? 21  GLU A C   1 
ATOM   168 O O   . GLU A 1 29 ? 5.231   7.005   2.111   1.00 10.47 ? 21  GLU A O   1 
ATOM   169 C CB  . GLU A 1 29 ? 4.696   7.552   5.351   1.00 18.29 ? 21  GLU A CB  1 
ATOM   170 C CG  . GLU A 1 29 ? 4.638   6.053   5.191   1.00 19.47 ? 21  GLU A CG  1 
ATOM   171 C CD  . GLU A 1 29 ? 4.423   5.306   6.511   1.00 17.38 ? 21  GLU A CD  1 
ATOM   172 O OE1 . GLU A 1 29 ? 5.302   5.336   7.452   1.00 17.27 ? 21  GLU A OE1 1 
ATOM   173 O OE2 . GLU A 1 29 ? 3.404   4.633   6.539   1.00 15.78 ? 21  GLU A OE2 1 
ATOM   174 N N   . GLU A 1 30 ? 7.012   7.935   3.122   1.00 10.46 ? 22  GLU A N   1 
ATOM   175 C CA  . GLU A 1 30 ? 7.999   7.274   2.304   1.00 8.15  ? 22  GLU A CA  1 
ATOM   176 C C   . GLU A 1 30 ? 8.418   5.993   2.956   1.00 10.02 ? 22  GLU A C   1 
ATOM   177 O O   . GLU A 1 30 ? 8.796   5.988   4.148   1.00 12.23 ? 22  GLU A O   1 
ATOM   178 C CB  . GLU A 1 30 ? 9.213   8.171   2.091   1.00 11.89 ? 22  GLU A CB  1 
ATOM   179 C CG  . GLU A 1 30 ? 8.888   9.500   1.447   1.00 14.52 ? 22  GLU A CG  1 
ATOM   180 C CD  . GLU A 1 30 ? 10.124  10.353  1.202   1.00 18.67 ? 22  GLU A CD  1 
ATOM   181 O OE1 . GLU A 1 30 ? 10.838  10.737  2.190   1.00 22.04 ? 22  GLU A OE1 1 
ATOM   182 O OE2 . GLU A 1 30 ? 10.396  10.657  0.016   1.00 24.99 ? 22  GLU A OE2 1 
ATOM   183 N N   . ILE A 1 31 ? 8.415   4.906   2.205   1.00 8.11  ? 23  ILE A N   1 
ATOM   184 C CA  . ILE A 1 31 ? 8.799   3.621   2.736   1.00 8.94  ? 23  ILE A CA  1 
ATOM   185 C C   . ILE A 1 31 ? 9.943   3.042   1.919   1.00 9.61  ? 23  ILE A C   1 
ATOM   186 O O   . ILE A 1 31 ? 9.811   2.783   0.706   1.00 10.15 ? 23  ILE A O   1 
ATOM   187 C CB  . ILE A 1 31 ? 7.594   2.650   2.778   1.00 9.77  ? 23  ILE A CB  1 
ATOM   188 C CG1 . ILE A 1 31 ? 6.489   3.233   3.677   1.00 8.27  ? 23  ILE A CG1 1 
ATOM   189 C CG2 . ILE A 1 31 ? 8.058   1.298   3.362   1.00 10.76 ? 23  ILE A CG2 1 
ATOM   190 C CD1 . ILE A 1 31 ? 5.354   2.304   4.024   1.00 9.70  ? 23  ILE A CD1 1 
ATOM   191 N N   . GLU A 1 32 ? 11.080  2.866   2.570   1.00 8.73  ? 24  GLU A N   1 
ATOM   192 C CA  . GLU A 1 32 ? 12.249  2.242   1.963   1.00 8.64  ? 24  GLU A CA  1 
ATOM   193 C C   . GLU A 1 32 ? 12.123  0.725   2.092   1.00 9.55  ? 24  GLU A C   1 
ATOM   194 O O   . GLU A 1 32 ? 11.874  0.201   3.181   1.00 12.64 ? 24  GLU A O   1 
ATOM   195 C CB  . GLU A 1 32 ? 13.519  2.742   2.639   1.00 8.46  ? 24  GLU A CB  1 
ATOM   196 C CG  . GLU A 1 32 ? 13.792  4.242   2.422   1.00 9.17  ? 24  GLU A CG  1 
ATOM   197 C CD  . GLU A 1 32 ? 15.087  4.753   3.062   1.00 9.86  ? 24  GLU A CD  1 
ATOM   198 O OE1 . GLU A 1 32 ? 15.945  3.948   3.479   1.00 9.76  ? 24  GLU A OE1 1 
ATOM   199 O OE2 . GLU A 1 32 ? 15.297  5.998   3.119   1.00 11.83 ? 24  GLU A OE2 1 
ATOM   200 N N   . LEU A 1 33 ? 12.277  0.035   0.964   1.00 9.34  ? 25  LEU A N   1 
ATOM   201 C CA  . LEU A 1 33 ? 12.109  -1.399  0.882   1.00 11.38 ? 25  LEU A CA  1 
ATOM   202 C C   . LEU A 1 33 ? 13.364  -2.013  0.293   1.00 12.09 ? 25  LEU A C   1 
ATOM   203 O O   . LEU A 1 33 ? 14.070  -1.350  -0.453  1.00 12.32 ? 25  LEU A O   1 
ATOM   204 C CB  . LEU A 1 33 ? 10.895  -1.740  -0.006  1.00 11.36 ? 25  LEU A CB  1 
ATOM   205 C CG  . LEU A 1 33 ? 9.554   -1.270  0.533   1.00 12.57 ? 25  LEU A CG  1 
ATOM   206 C CD1 . LEU A 1 33 ? 8.491   -1.411  -0.564  1.00 16.38 ? 25  LEU A CD1 1 
ATOM   207 C CD2 . LEU A 1 33 ? 9.216   -2.112  1.769   1.00 16.17 ? 25  LEU A CD2 1 
ATOM   208 N N   . PRO A 1 34 ? 13.668  -3.274  0.619   1.00 12.02 ? 26  PRO A N   1 
ATOM   209 C CA  . PRO A 1 34 ? 14.834  -3.935  0.039   1.00 12.22 ? 26  PRO A CA  1 
ATOM   210 C C   . PRO A 1 34 ? 14.682  -4.161  -1.457  1.00 13.09 ? 26  PRO A C   1 
ATOM   211 O O   . PRO A 1 34 ? 13.567  -4.246  -1.985  1.00 13.18 ? 26  PRO A O   1 
ATOM   212 C CB  . PRO A 1 34 ? 14.905  -5.281  0.785   1.00 15.67 ? 26  PRO A CB  1 
ATOM   213 C CG  . PRO A 1 34 ? 13.977  -5.186  1.891   1.00 15.92 ? 26  PRO A CG  1 
ATOM   214 C CD  . PRO A 1 34 ? 12.955  -4.138  1.583   1.00 14.04 ? 26  PRO A CD  1 
ATOM   215 N N   . GLU A 1 35 ? 15.822  -4.257  -2.127  1.00 13.61 ? 27  GLU A N   1 
ATOM   216 C CA  . GLU A 1 35 ? 15.889  -4.642  -3.519  1.00 15.20 ? 27  GLU A CA  1 
ATOM   217 C C   . GLU A 1 35 ? 14.955  -5.826  -3.799  1.00 11.76 ? 27  GLU A C   1 
ATOM   218 O O   . GLU A 1 35 ? 14.915  -6.784  -3.033  1.00 13.53 ? 27  GLU A O   1 
ATOM   219 C CB  . GLU A 1 35 ? 17.335  -5.011  -3.862  1.00 18.79 ? 27  GLU A CB  1 
ATOM   220 C CG  . GLU A 1 35 ? 17.553  -5.464  -5.297  1.00 21.48 ? 27  GLU A CG  1 
ATOM   221 C CD  . GLU A 1 35 ? 18.962  -5.973  -5.557  1.00 25.99 ? 27  GLU A CD  1 
ATOM   222 O OE1 . GLU A 1 35 ? 19.919  -5.475  -4.915  1.00 26.36 ? 27  GLU A OE1 1 
ATOM   223 O OE2 . GLU A 1 35 ? 19.104  -6.862  -6.420  1.00 28.99 ? 27  GLU A OE2 1 
ATOM   224 N N   . GLY A 1 36 ? 14.201  -5.725  -4.892  1.00 10.81 ? 28  GLY A N   1 
ATOM   225 C CA  . GLY A 1 36 ? 13.319  -6.800  -5.326  1.00 10.42 ? 28  GLY A CA  1 
ATOM   226 C C   . GLY A 1 36 ? 11.941  -6.753  -4.691  1.00 11.39 ? 28  GLY A C   1 
ATOM   227 O O   . GLY A 1 36 ? 11.099  -7.634  -4.935  1.00 10.63 ? 28  GLY A O   1 
ATOM   228 N N   . ALA A 1 37 ? 11.688  -5.738  -3.876  1.00 9.83  ? 29  ALA A N   1 
ATOM   229 C CA  . ALA A 1 37 ? 10.411  -5.661  -3.191  1.00 8.36  ? 29  ALA A CA  1 
ATOM   230 C C   . ALA A 1 37 ? 9.251   -5.666  -4.140  1.00 8.18  ? 29  ALA A C   1 
ATOM   231 O O   . ALA A 1 37 ? 9.281   -5.033  -5.208  1.00 9.72  ? 29  ALA A O   1 
ATOM   232 C CB  . ALA A 1 37 ? 10.347  -4.394  -2.310  1.00 10.08 ? 29  ALA A CB  1 
ATOM   233 N N   . ARG A 1 38 ? 8.203   -6.365  -3.707  1.00 6.91  ? 30  ARG A N   1 
ATOM   234 C CA  . ARG A 1 38 ? 6.959   -6.475  -4.443  1.00 6.25  ? 30  ARG A CA  1 
ATOM   235 C C   . ARG A 1 38 ? 5.827   -5.783  -3.688  1.00 6.53  ? 30  ARG A C   1 
ATOM   236 O O   . ARG A 1 38 ? 5.936   -5.483  -2.488  1.00 7.65  ? 30  ARG A O   1 
ATOM   237 C CB  . ARG A 1 38 ? 6.594   -7.942  -4.616  1.00 7.32  ? 30  ARG A CB  1 
ATOM   238 C CG  . ARG A 1 38 ? 7.569   -8.708  -5.462  1.00 7.48  ? 30  ARG A CG  1 
ATOM   239 C CD  . ARG A 1 38 ? 7.214   -10.173 -5.536  1.00 7.01  ? 30  ARG A CD  1 
ATOM   240 N NE  . ARG A 1 38 ? 8.287   -10.914 -6.182  1.00 7.75  ? 30  ARG A NE  1 
ATOM   241 C CZ  . ARG A 1 38 ? 8.197   -12.190 -6.517  1.00 5.69  ? 30  ARG A CZ  1 
ATOM   242 N NH1 . ARG A 1 38 ? 7.068   -12.840 -6.235  1.00 6.79  ? 30  ARG A NH1 1 
ATOM   243 N NH2 . ARG A 1 38 ? 9.220   -12.798 -7.101  1.00 6.73  ? 30  ARG A NH2 1 
ATOM   244 N N   . VAL A 1 39 ? 4.701   -5.561  -4.356  1.00 7.59  ? 31  VAL A N   1 
ATOM   245 C CA  . VAL A 1 39 ? 3.524   -4.996  -3.694  1.00 8.27  ? 31  VAL A CA  1 
ATOM   246 C C   . VAL A 1 39 ? 3.183   -5.739  -2.387  1.00 7.47  ? 31  VAL A C   1 
ATOM   247 O O   . VAL A 1 39 ? 2.920   -5.104  -1.342  1.00 8.26  ? 31  VAL A O   1 
ATOM   248 C CB  . VAL A 1 39 ? 2.326   -4.943  -4.666  1.00 9.54  ? 31  VAL A CB  1 
ATOM   249 C CG1 . VAL A 1 39 ? 0.991   -4.722  -3.947  1.00 11.79 ? 31  VAL A CG1 1 
ATOM   250 C CG2 . VAL A 1 39 ? 2.563   -3.866  -5.724  1.00 10.64 ? 31  VAL A CG2 1 
ATOM   251 N N   . ARG A 1 40 ? 3.219   -7.078  -2.408  1.00 7.56  ? 32  ARG A N   1 
ATOM   252 C CA  . ARG A 1 40 ? 2.893   -7.813  -1.184  1.00 6.87  ? 32  ARG A CA  1 
ATOM   253 C C   . ARG A 1 40 ? 3.855   -7.474  -0.015  1.00 7.52  ? 32  ARG A C   1 
ATOM   254 O O   . ARG A 1 40 ? 3.440   -7.477  1.156   1.00 7.60  ? 32  ARG A O   1 
ATOM   255 C CB  . ARG A 1 40 ? 2.837   -9.327  -1.452  1.00 7.01  ? 32  ARG A CB  1 
ATOM   256 C CG  . ARG A 1 40 ? 4.173   -9.958  -1.814  1.00 6.68  ? 32  ARG A CG  1 
ATOM   257 C CD  . ARG A 1 40 ? 4.083   -11.482 -1.865  1.00 7.86  ? 32  ARG A CD  1 
ATOM   258 N NE  . ARG A 1 40 ? 3.201   -12.004 -2.936  1.00 7.07  ? 32  ARG A NE  1 
ATOM   259 C CZ  . ARG A 1 40 ? 1.979   -12.484 -2.754  1.00 7.03  ? 32  ARG A CZ  1 
ATOM   260 N NH1 . ARG A 1 40 ? 1.400   -12.511 -1.548  1.00 8.83  ? 32  ARG A NH1 1 
ATOM   261 N NH2 . ARG A 1 40 ? 1.324   -12.975 -3.813  1.00 8.62  ? 32  ARG A NH2 1 
ATOM   262 N N   . ASP A 1 41 ? 5.123   -7.192  -0.334  1.00 7.45  ? 33  ASP A N   1 
ATOM   263 C CA  . ASP A 1 41 ? 6.103   -6.844  0.720   1.00 6.77  ? 33  ASP A CA  1 
ATOM   264 C C   . ASP A 1 41 ? 5.785   -5.491  1.282   1.00 10.11 ? 33  ASP A C   1 
ATOM   265 O O   . ASP A 1 41 ? 5.912   -5.282  2.495   1.00 8.59  ? 33  ASP A O   1 
ATOM   266 C CB  . ASP A 1 41 ? 7.532   -6.865  0.184   1.00 7.16  ? 33  ASP A CB  1 
ATOM   267 C CG  . ASP A 1 41 ? 7.882   -8.180  -0.514  1.00 8.07  ? 33  ASP A CG  1 
ATOM   268 O OD1 . ASP A 1 41 ? 7.610   -9.263  0.023   1.00 8.24  ? 33  ASP A OD1 1 
ATOM   269 O OD2 . ASP A 1 41 ? 8.461   -8.159  -1.617  1.00 11.04 ? 33  ASP A OD2 1 
ATOM   270 N N   . LEU A 1 42 ? 5.354   -4.575  0.430   1.00 7.40  ? 34  LEU A N   1 
ATOM   271 C CA  . LEU A 1 42 ? 4.944   -3.255  0.908   1.00 7.10  ? 34  LEU A CA  1 
ATOM   272 C C   . LEU A 1 42 ? 3.722   -3.345  1.829   1.00 8.12  ? 34  LEU A C   1 
ATOM   273 O O   . LEU A 1 42 ? 3.702   -2.698  2.892   1.00 8.17  ? 34  LEU A O   1 
ATOM   274 C CB  . LEU A 1 42 ? 4.643   -2.346  -0.282  1.00 8.58  ? 34  LEU A CB  1 
ATOM   275 C CG  . LEU A 1 42 ? 4.045   -0.984  0.071   1.00 8.82  ? 34  LEU A CG  1 
ATOM   276 C CD1 . LEU A 1 42 ? 5.006   -0.151  0.999   1.00 9.87  ? 34  LEU A CD1 1 
ATOM   277 C CD2 . LEU A 1 42 ? 3.677   -0.230  -1.209  1.00 11.17 ? 34  LEU A CD2 1 
ATOM   278 N N   . ILE A 1 43 ? 2.742   -4.172  1.466   1.00 8.03  ? 35  ILE A N   1 
ATOM   279 C CA  . ILE A 1 43 ? 1.575   -4.359  2.318   1.00 8.12  ? 35  ILE A CA  1 
ATOM   280 C C   . ILE A 1 43 ? 2.003   -4.888  3.685   1.00 8.50  ? 35  ILE A C   1 
ATOM   281 O O   . ILE A 1 43 ? 1.522   -4.399  4.739   1.00 8.93  ? 35  ILE A O   1 
ATOM   282 C CB  . ILE A 1 43 ? 0.568   -5.290  1.636   1.00 8.24  ? 35  ILE A CB  1 
ATOM   283 C CG1 . ILE A 1 43 ? -0.052  -4.564  0.452   1.00 11.45 ? 35  ILE A CG1 1 
ATOM   284 C CG2 . ILE A 1 43 ? -0.523  -5.756  2.642   1.00 9.08  ? 35  ILE A CG2 1 
ATOM   285 C CD1 . ILE A 1 43 ? -0.934  -5.457  -0.480  1.00 11.28 ? 35  ILE A CD1 1 
ATOM   286 N N   . GLU A 1 44 ? 2.915   -5.875  3.710   1.00 8.07  ? 36  GLU A N   1 
ATOM   287 C CA  . GLU A 1 44 ? 3.402   -6.353  5.010   1.00 8.57  ? 36  GLU A CA  1 
ATOM   288 C C   . GLU A 1 44 ? 4.109   -5.294  5.823   1.00 9.86  ? 36  GLU A C   1 
ATOM   289 O O   . GLU A 1 44 ? 3.974   -5.273  7.066   1.00 9.51  ? 36  GLU A O   1 
ATOM   290 C CB  . GLU A 1 44 ? 4.264   -7.601  4.842   1.00 9.51  ? 36  GLU A CB  1 
ATOM   291 C CG  . GLU A 1 44 ? 3.464   -8.801  4.333   1.00 11.85 ? 36  GLU A CG  1 
ATOM   292 C CD  . GLU A 1 44 ? 2.199   -9.079  5.134   1.00 15.30 ? 36  GLU A CD  1 
ATOM   293 O OE1 . GLU A 1 44 ? 2.315   -9.405  6.335   1.00 16.48 ? 36  GLU A OE1 1 
ATOM   294 O OE2 . GLU A 1 44 ? 1.083   -8.961  4.573   1.00 16.01 ? 36  GLU A OE2 1 
ATOM   295 N N   . GLU A 1 45 ? 4.850   -4.418  5.162   1.00 7.79  ? 37  GLU A N   1 
ATOM   296 C CA  . GLU A 1 45 ? 5.538   -3.354  5.870   1.00 7.03  ? 37  GLU A CA  1 
ATOM   297 C C   . GLU A 1 45 ? 4.549   -2.321  6.412   1.00 8.01  ? 37  GLU A C   1 
ATOM   298 O O   . GLU A 1 45 ? 4.755   -1.820  7.524   1.00 7.40  ? 37  GLU A O   1 
ATOM   299 C CB  . GLU A 1 45 ? 6.602   -2.697  4.969   1.00 8.79  ? 37  GLU A CB  1 
ATOM   300 C CG  . GLU A 1 45 ? 7.340   -1.505  5.603   1.00 8.00  ? 37  GLU A CG  1 
ATOM   301 C CD  . GLU A 1 45 ? 8.266   -1.864  6.759   1.00 12.82 ? 37  GLU A CD  1 
ATOM   302 O OE1 . GLU A 1 45 ? 8.621   -3.045  6.921   1.00 14.31 ? 37  GLU A OE1 1 
ATOM   303 O OE2 . GLU A 1 45 ? 8.662   -0.945  7.515   1.00 13.66 ? 37  GLU A OE2 1 
ATOM   304 N N   . ILE A 1 46 ? 3.474   -2.005  5.665   1.00 8.16  ? 38  ILE A N   1 
ATOM   305 C CA  . ILE A 1 46 ? 2.449   -1.088  6.182   1.00 6.89  ? 38  ILE A CA  1 
ATOM   306 C C   . ILE A 1 46 ? 1.848   -1.654  7.469   1.00 7.57  ? 38  ILE A C   1 
ATOM   307 O O   . ILE A 1 46 ? 1.707   -0.922  8.472   1.00 8.03  ? 38  ILE A O   1 
ATOM   308 C CB  . ILE A 1 46 ? 1.381   -0.826  5.109   1.00 5.62  ? 38  ILE A CB  1 
ATOM   309 C CG1 . ILE A 1 46 ? 1.995   0.057   4.010   1.00 8.60  ? 38  ILE A CG1 1 
ATOM   310 C CG2 . ILE A 1 46 ? 0.169   -0.169  5.717   1.00 8.71  ? 38  ILE A CG2 1 
ATOM   311 C CD1 . ILE A 1 46 ? 1.178   0.122   2.756   1.00 11.46 ? 38  ILE A CD1 1 
ATOM   312 N N   . LYS A 1 47 ? 1.547   -2.949  7.451   1.00 7.56  ? 39  LYS A N   1 
ATOM   313 C CA  . LYS A 1 47 ? 0.995   -3.628  8.629   1.00 7.86  ? 39  LYS A CA  1 
ATOM   314 C C   . LYS A 1 47 ? 1.976   -3.641  9.811   1.00 9.12  ? 39  LYS A C   1 
ATOM   315 O O   . LYS A 1 47 ? 1.545   -3.535  10.983  1.00 10.55 ? 39  LYS A O   1 
ATOM   316 C CB  . LYS A 1 47 ? 0.571   -5.048  8.271   1.00 7.85  ? 39  LYS A CB  1 
ATOM   317 C CG  . LYS A 1 47 ? -0.549  -5.097  7.298   1.00 10.48 ? 39  LYS A CG  1 
ATOM   318 C CD  . LYS A 1 47 ? -0.835  -6.565  6.932   1.00 12.20 ? 39  LYS A CD  1 
ATOM   319 C CE  . LYS A 1 47 ? -1.948  -6.683  5.946   1.00 14.39 ? 39  LYS A CE  1 
ATOM   320 N NZ  . LYS A 1 47 ? -1.922  -8.089  5.405   1.00 20.08 ? 39  LYS A NZ  1 
ATOM   321 N N   . LYS A 1 48 ? 3.268   -3.757  9.520   1.00 8.48  ? 40  LYS A N   1 
ATOM   322 C CA  . LYS A 1 48 ? 4.288   -3.747  10.556  1.00 10.79 ? 40  LYS A CA  1 
ATOM   323 C C   . LYS A 1 48 ? 4.417   -2.363  11.185  1.00 9.40  ? 40  LYS A C   1 
ATOM   324 O O   . LYS A 1 48 ? 4.619   -2.246  12.403  1.00 12.40 ? 40  LYS A O   1 
ATOM   325 C CB  . LYS A 1 48 ? 5.629   -4.186  9.963   1.00 12.02 ? 40  LYS A CB  1 
ATOM   326 C CG  . LYS A 1 48 ? 6.768   -4.241  10.966  1.00 15.13 ? 40  LYS A CG  1 
ATOM   327 C CD  . LYS A 1 48 ? 8.048   -4.780  10.322  1.00 17.94 ? 40  LYS A CD  1 
ATOM   328 C CE  . LYS A 1 48 ? 9.144   -4.901  11.362  1.00 23.36 ? 40  LYS A CE  1 
ATOM   329 N NZ  . LYS A 1 48 ? 9.606   -3.543  11.809  1.00 27.66 ? 40  LYS A NZ  1 
ATOM   330 N N   . ARG A 1 49 ? 4.329   -1.308  10.379  1.00 7.33  ? 41  ARG A N   1 
ATOM   331 C CA  . ARG A 1 49 ? 4.465   0.044   10.893  1.00 7.36  ? 41  ARG A CA  1 
ATOM   332 C C   . ARG A 1 49 ? 3.219   0.512   11.629  1.00 8.69  ? 41  ARG A C   1 
ATOM   333 O O   . ARG A 1 49 ? 3.285   1.337   12.538  1.00 9.70  ? 41  ARG A O   1 
ATOM   334 C CB  . ARG A 1 49 ? 4.727   1.005   9.745   1.00 7.88  ? 41  ARG A CB  1 
ATOM   335 C CG  . ARG A 1 49 ? 6.064   0.848   9.150   1.00 9.33  ? 41  ARG A CG  1 
ATOM   336 C CD  . ARG A 1 49 ? 6.340   1.911   8.142   1.00 10.96 ? 41  ARG A CD  1 
ATOM   337 N NE  . ARG A 1 49 ? 7.692   1.761   7.581   1.00 11.65 ? 41  ARG A NE  1 
ATOM   338 C CZ  . ARG A 1 49 ? 8.431   2.767   7.112   1.00 8.42  ? 41  ARG A CZ  1 
ATOM   339 N NH1 . ARG A 1 49 ? 7.959   4.009   7.086   1.00 12.25 ? 41  ARG A NH1 1 
ATOM   340 N NH2 . ARG A 1 49 ? 9.621   2.493   6.626   1.00 10.84 ? 41  ARG A NH2 1 
ATOM   341 N N   . HIS A 1 50 ? 2.073   0.038   11.163  1.00 8.04  ? 42  HIS A N   1 
ATOM   342 C CA  . HIS A 1 50 ? 0.785   0.538   11.628  1.00 7.19  ? 42  HIS A CA  1 
ATOM   343 C C   . HIS A 1 50 ? -0.115  -0.634  11.919  1.00 8.23  ? 42  HIS A C   1 
ATOM   344 O O   . HIS A 1 50 ? -0.868  -1.103  11.030  1.00 8.76  ? 42  HIS A O   1 
ATOM   345 C CB  . HIS A 1 50 ? 0.138   1.430   10.555  1.00 10.02 ? 42  HIS A CB  1 
ATOM   346 C CG  . HIS A 1 50 ? 1.048   2.491   10.035  1.00 9.75  ? 42  HIS A CG  1 
ATOM   347 N ND1 . HIS A 1 50 ? 1.604   3.476   10.837  1.00 12.68 ? 42  HIS A ND1 1 
ATOM   348 C CD2 . HIS A 1 50 ? 1.526   2.704   8.791   1.00 10.43 ? 42  HIS A CD2 1 
ATOM   349 C CE1 . HIS A 1 50 ? 2.369   4.258   10.089  1.00 14.41 ? 42  HIS A CE1 1 
ATOM   350 N NE2 . HIS A 1 50 ? 2.326   3.819   8.846   1.00 11.78 ? 42  HIS A NE2 1 
ATOM   351 N N   . GLU A 1 51 ? -0.066  -1.098  13.168  1.00 8.97  ? 43  GLU A N   1 
ATOM   352 C CA  . GLU A 1 51 ? -0.707  -2.363  13.533  1.00 10.47 ? 43  GLU A CA  1 
ATOM   353 C C   . GLU A 1 51 ? -2.208  -2.398  13.281  1.00 10.69 ? 43  GLU A C   1 
ATOM   354 O O   . GLU A 1 51 ? -2.764  -3.480  13.118  1.00 12.35 ? 43  GLU A O   1 
ATOM   355 C CB  . GLU A 1 51 ? -0.401  -2.736  14.978  1.00 13.34 ? 43  GLU A CB  1 
ATOM   356 C CG  . GLU A 1 51 ? -0.943  -1.775  16.016  1.00 15.32 ? 43  GLU A CG  1 
ATOM   357 C CD  . GLU A 1 51 ? -0.482  -2.118  17.415  1.00 23.32 ? 43  GLU A CD  1 
ATOM   358 O OE1 . GLU A 1 51 ? 0.137   -3.187  17.584  1.00 24.07 ? 43  GLU A OE1 1 
ATOM   359 O OE2 . GLU A 1 51 ? -0.746  -1.313  18.338  1.00 26.16 ? 43  GLU A OE2 1 
ATOM   360 N N   . LYS A 1 52 ? -2.856  -1.237  13.227  1.00 9.37  ? 44  LYS A N   1 
ATOM   361 C CA  . LYS A 1 52 ? -4.313  -1.220  12.962  1.00 11.21 ? 44  LYS A CA  1 
ATOM   362 C C   . LYS A 1 52 ? -4.642  -1.748  11.566  1.00 11.29 ? 44  LYS A C   1 
ATOM   363 O O   . LYS A 1 52 ? -5.786  -2.150  11.309  1.00 11.42 ? 44  LYS A O   1 
ATOM   364 C CB  . LYS A 1 52 ? -4.909  0.168   13.180  1.00 12.62 ? 44  LYS A CB  1 
ATOM   365 C CG  . LYS A 1 52 ? -4.837  0.620   14.630  1.00 14.76 ? 44  LYS A CG  1 
ATOM   366 C CD  . LYS A 1 52 ? -5.620  1.899   14.859  1.00 23.46 ? 44  LYS A CD  1 
ATOM   367 C CE  . LYS A 1 52 ? -4.699  3.125   14.935  1.00 25.10 ? 44  LYS A CE  1 
ATOM   368 N NZ  . LYS A 1 52 ? -5.311  4.268   15.718  1.00 28.26 ? 44  LYS A NZ  1 
ATOM   369 N N   . PHE A 1 53 ? -3.653  -1.793  10.659  1.00 9.10  ? 45  PHE A N   1 
ATOM   370 C CA  . PHE A 1 53 ? -3.881  -2.369  9.334   1.00 8.29  ? 45  PHE A CA  1 
ATOM   371 C C   . PHE A 1 53 ? -3.854  -3.897  9.312   1.00 9.69  ? 45  PHE A C   1 
ATOM   372 O O   . PHE A 1 53 ? -4.237  -4.511  8.306   1.00 10.46 ? 45  PHE A O   1 
ATOM   373 C CB  . PHE A 1 53 ? -2.837  -1.869  8.317   1.00 9.55  ? 45  PHE A CB  1 
ATOM   374 C CG  . PHE A 1 53 ? -3.082  -0.484  7.802   1.00 8.45  ? 45  PHE A CG  1 
ATOM   375 C CD1 . PHE A 1 53 ? -3.868  -0.287  6.669   1.00 9.16  ? 45  PHE A CD1 1 
ATOM   376 C CD2 . PHE A 1 53 ? -2.515  0.604   8.409   1.00 12.36 ? 45  PHE A CD2 1 
ATOM   377 C CE1 . PHE A 1 53 ? -4.086  1.004   6.176   1.00 10.38 ? 45  PHE A CE1 1 
ATOM   378 C CE2 . PHE A 1 53 ? -2.718  1.888   7.929   1.00 13.92 ? 45  PHE A CE2 1 
ATOM   379 C CZ  . PHE A 1 53 ? -3.510  2.086   6.799   1.00 11.16 ? 45  PHE A CZ  1 
ATOM   380 N N   . LYS A 1 54 ? -3.384  -4.525  10.386  1.00 12.30 ? 46  LYS A N   1 
ATOM   381 C CA  . LYS A 1 54 ? -3.294  -5.992  10.392  1.00 11.50 ? 46  LYS A CA  1 
ATOM   382 C C   . LYS A 1 54 ? -4.669  -6.628  10.200  1.00 14.66 ? 46  LYS A C   1 
ATOM   383 O O   . LYS A 1 54 ? -4.776  -7.684  9.561   1.00 20.06 ? 46  LYS A O   1 
ATOM   384 C CB  . LYS A 1 54 ? -2.648  -6.496  11.690  1.00 13.38 ? 46  LYS A CB  1 
ATOM   385 C CG  . LYS A 1 54 ? -1.166  -6.180  11.782  1.00 17.73 ? 46  LYS A CG  1 
ATOM   386 C CD  . LYS A 1 54 ? -0.517  -6.820  12.998  1.00 19.16 ? 46  LYS A CD  1 
ATOM   387 C CE  . LYS A 1 54 ? 0.952   -7.141  12.691  1.00 25.19 ? 46  LYS A CE  1 
ATOM   388 N N   . GLU A 1 55 ? -5.698  -5.960  10.725  1.00 13.79 ? 47  GLU A N   1 
ATOM   389 C CA  . GLU A 1 55 ? -7.084  -6.448  10.760  1.00 16.53 ? 47  GLU A CA  1 
ATOM   390 C C   . GLU A 1 55 ? -7.861  -6.051  9.485   1.00 17.88 ? 47  GLU A C   1 
ATOM   391 O O   . GLU A 1 55 ? -9.029  -6.450  9.302   1.00 21.20 ? 47  GLU A O   1 
ATOM   392 C CB  . GLU A 1 55 ? -7.787  -5.881  12.007  1.00 19.50 ? 47  GLU A CB  1 
ATOM   393 C CG  . GLU A 1 55 ? -7.237  -6.327  13.379  1.00 28.26 ? 47  GLU A CG  1 
ATOM   394 C CD  . GLU A 1 55 ? -5.743  -6.029  13.631  1.00 32.08 ? 47  GLU A CD  1 
ATOM   395 O OE1 . GLU A 1 55 ? -5.261  -4.859  13.405  1.00 25.77 ? 47  GLU A OE1 1 
ATOM   396 O OE2 . GLU A 1 55 ? -5.039  -6.980  14.082  1.00 33.90 ? 47  GLU A OE2 1 
ATOM   397 N N   . GLU A 1 56 ? -7.221  -5.280  8.610   1.00 12.80 ? 48  GLU A N   1 
ATOM   398 C CA  . GLU A 1 56 ? -7.847  -4.807  7.383   1.00 12.89 ? 48  GLU A CA  1 
ATOM   399 C C   . GLU A 1 56 ? -7.500  -5.743  6.237   1.00 12.10 ? 48  GLU A C   1 
ATOM   400 O O   . GLU A 1 56 ? -6.337  -6.093  6.029   1.00 14.14 ? 48  GLU A O   1 
ATOM   401 C CB  . GLU A 1 56 ? -7.380  -3.382  7.050   1.00 11.48 ? 48  GLU A CB  1 
ATOM   402 C CG  . GLU A 1 56 ? -7.634  -2.383  8.168   1.00 12.20 ? 48  GLU A CG  1 
ATOM   403 C CD  . GLU A 1 56 ? -9.092  -1.975  8.277   1.00 12.61 ? 48  GLU A CD  1 
ATOM   404 O OE1 . GLU A 1 56 ? -9.863  -2.281  7.356   1.00 12.34 ? 48  GLU A OE1 1 
ATOM   405 O OE2 . GLU A 1 56 ? -9.477  -1.368  9.313   1.00 13.59 ? 48  GLU A OE2 1 
ATOM   406 N N   . VAL A 1 57 ? -8.504  -6.123  5.463   1.00 12.00 ? 49  VAL A N   1 
ATOM   407 C CA  . VAL A 1 57 ? -8.269  -7.040  4.354   1.00 13.55 ? 49  VAL A CA  1 
ATOM   408 C C   . VAL A 1 57 ? -7.878  -6.261  3.096   1.00 10.58 ? 49  VAL A C   1 
ATOM   409 O O   . VAL A 1 57 ? -8.642  -5.416  2.617   1.00 10.96 ? 49  VAL A O   1 
ATOM   410 C CB  . VAL A 1 57 ? -9.492  -7.918  4.093   1.00 15.12 ? 49  VAL A CB  1 
ATOM   411 C CG1 . VAL A 1 57 ? -9.280  -8.812  2.878   1.00 12.65 ? 49  VAL A CG1 1 
ATOM   412 C CG2 . VAL A 1 57 ? -9.784  -8.773  5.324   1.00 17.25 ? 49  VAL A CG2 1 
ATOM   413 N N   . PHE A 1 58 ? -6.668  -6.515  2.596   1.00 11.61 ? 50  PHE A N   1 
ATOM   414 C CA  . PHE A 1 58 ? -6.212  -5.914  1.338   1.00 8.59  ? 50  PHE A CA  1 
ATOM   415 C C   . PHE A 1 58 ? -6.634  -6.775  0.169   1.00 12.04 ? 50  PHE A C   1 
ATOM   416 O O   . PHE A 1 58 ? -6.488  -7.998  0.188   1.00 16.10 ? 50  PHE A O   1 
ATOM   417 C CB  . PHE A 1 58 ? -4.681  -5.777  1.320   1.00 11.45 ? 50  PHE A CB  1 
ATOM   418 C CG  . PHE A 1 58 ? -4.137  -4.683  2.218   1.00 12.08 ? 50  PHE A CG  1 
ATOM   419 C CD1 . PHE A 1 58 ? -3.513  -3.570  1.664   1.00 12.21 ? 50  PHE A CD1 1 
ATOM   420 C CD2 . PHE A 1 58 ? -4.218  -4.788  3.604   1.00 11.95 ? 50  PHE A CD2 1 
ATOM   421 C CE1 . PHE A 1 58 ? -2.994  -2.552  2.479   1.00 12.23 ? 50  PHE A CE1 1 
ATOM   422 C CE2 . PHE A 1 58 ? -3.699  -3.774  4.436   1.00 12.35 ? 50  PHE A CE2 1 
ATOM   423 C CZ  . PHE A 1 58 ? -3.086  -2.668  3.864   1.00 12.56 ? 50  PHE A CZ  1 
ATOM   424 N N   . GLY A 1 59 ? -7.140  -6.122  -0.851  1.00 11.07 ? 51  GLY A N   1 
ATOM   425 C CA  . GLY A 1 59 ? -7.484  -6.805  -2.074  1.00 10.99 ? 51  GLY A CA  1 
ATOM   426 C C   . GLY A 1 59 ? -6.315  -6.834  -3.033  1.00 9.88  ? 51  GLY A C   1 
ATOM   427 O O   . GLY A 1 59 ? -5.337  -6.062  -2.934  1.00 11.36 ? 51  GLY A O   1 
ATOM   428 N N   . GLU A 1 60 ? -6.416  -7.754  -3.981  1.00 11.79 ? 52  GLU A N   1 
ATOM   429 C CA  . GLU A 1 60 ? -5.465  -7.820  -5.067  1.00 12.82 ? 52  GLU A CA  1 
ATOM   430 C C   . GLU A 1 60 ? -6.122  -7.207  -6.284  1.00 13.77 ? 52  GLU A C   1 
ATOM   431 O O   . GLU A 1 60 ? -7.189  -7.688  -6.734  1.00 14.88 ? 52  GLU A O   1 
ATOM   432 C CB  . GLU A 1 60 ? -5.047  -9.258  -5.324  1.00 14.24 ? 52  GLU A CB  1 
ATOM   433 C CG  . GLU A 1 60 ? -3.909  -9.351  -6.322  1.00 15.12 ? 52  GLU A CG  1 
ATOM   434 C CD  . GLU A 1 60 ? -3.175  -10.684 -6.323  1.00 20.37 ? 52  GLU A CD  1 
ATOM   435 O OE1 . GLU A 1 60 ? -3.735  -11.714 -5.848  1.00 24.79 ? 52  GLU A OE1 1 
ATOM   436 O OE2 . GLU A 1 60 ? -2.048  -10.715 -6.852  1.00 15.89 ? 52  GLU A OE2 1 
ATOM   437 N N   . GLY A 1 61 ? -5.506  -6.163  -6.824  1.00 17.21 ? 53  GLY A N   1 
ATOM   438 C CA  . GLY A 1 61 ? -6.118  -5.359  -7.867  1.00 17.90 ? 53  GLY A CA  1 
ATOM   439 C C   . GLY A 1 61 ? -7.394  -4.714  -7.370  1.00 18.96 ? 53  GLY A C   1 
ATOM   440 O O   . GLY A 1 61 ? -7.541  -4.398  -6.173  1.00 20.00 ? 53  GLY A O   1 
ATOM   441 N N   . TYR A 1 62 ? -8.349  -4.535  -8.270  1.00 15.69 ? 54  TYR A N   1 
ATOM   442 C CA  . TYR A 1 62 ? -9.639  -4.028  -7.875  1.00 13.42 ? 54  TYR A CA  1 
ATOM   443 C C   . TYR A 1 62 ? -10.439 -5.130  -7.170  1.00 15.15 ? 54  TYR A C   1 
ATOM   444 O O   . TYR A 1 62 ? -10.583 -6.247  -7.695  1.00 15.69 ? 54  TYR A O   1 
ATOM   445 C CB  . TYR A 1 62 ? -10.417 -3.493  -9.078  1.00 15.19 ? 54  TYR A CB  1 
ATOM   446 C CG  . TYR A 1 62 ? -11.780 -2.987  -8.686  1.00 15.60 ? 54  TYR A CG  1 
ATOM   447 C CD1 . TYR A 1 62 ? -11.923 -1.765  -8.019  1.00 15.34 ? 54  TYR A CD1 1 
ATOM   448 C CD2 . TYR A 1 62 ? -12.942 -3.734  -8.954  1.00 14.14 ? 54  TYR A CD2 1 
ATOM   449 C CE1 . TYR A 1 62 ? -13.170 -1.296  -7.622  1.00 14.56 ? 54  TYR A CE1 1 
ATOM   450 C CE2 . TYR A 1 62 ? -14.200 -3.264  -8.558  1.00 17.21 ? 54  TYR A CE2 1 
ATOM   451 C CZ  . TYR A 1 62 ? -14.308 -2.040  -7.909  1.00 16.12 ? 54  TYR A CZ  1 
ATOM   452 O OH  . TYR A 1 62 ? -15.537 -1.569  -7.514  1.00 20.83 ? 54  TYR A OH  1 
ATOM   453 N N   . ASP A 1 63 ? -10.954 -4.810  -5.985  1.00 12.62 ? 55  ASP A N   1 
ATOM   454 C CA  . ASP A 1 63 ? -11.762 -5.736  -5.211  1.00 10.89 ? 55  ASP A CA  1 
ATOM   455 C C   . ASP A 1 63 ? -12.678 -4.979  -4.270  1.00 14.83 ? 55  ASP A C   1 
ATOM   456 O O   . ASP A 1 63 ? -12.235 -4.415  -3.283  1.00 13.19 ? 55  ASP A O   1 
ATOM   457 C CB  . ASP A 1 63 ? -10.854 -6.715  -4.456  1.00 15.35 ? 55  ASP A CB  1 
ATOM   458 C CG  . ASP A 1 63 ? -11.621 -7.765  -3.679  1.00 18.05 ? 55  ASP A CG  1 
ATOM   459 O OD1 . ASP A 1 63 ? -12.881 -7.731  -3.635  1.00 18.79 ? 55  ASP A OD1 1 
ATOM   460 O OD2 . ASP A 1 63 ? -11.020 -8.666  -3.066  1.00 18.53 ? 55  ASP A OD2 1 
ATOM   461 N N   . GLU A 1 64 ? -13.977 -4.978  -4.572  1.00 15.15 ? 56  GLU A N   1 
ATOM   462 C CA  . GLU A 1 64 ? -14.935 -4.196  -3.781  1.00 16.20 ? 56  GLU A CA  1 
ATOM   463 C C   . GLU A 1 64 ? -15.235 -4.827  -2.425  1.00 13.52 ? 56  GLU A C   1 
ATOM   464 O O   . GLU A 1 64 ? -15.754 -4.154  -1.525  1.00 17.63 ? 56  GLU A O   1 
ATOM   465 C CB  . GLU A 1 64 ? -16.234 -3.950  -4.565  1.00 17.83 ? 56  GLU A CB  1 
ATOM   466 N N   . ASP A 1 65 ? -14.890 -6.103  -2.262  1.00 15.85 ? 57  ASP A N   1 
ATOM   467 C CA  . ASP A 1 65 ? -15.195 -6.815  -1.010  1.00 18.18 ? 57  ASP A CA  1 
ATOM   468 C C   . ASP A 1 65 ? -14.102 -6.658  0.056   1.00 15.99 ? 57  ASP A C   1 
ATOM   469 O O   . ASP A 1 65 ? -14.323 -6.955  1.232   1.00 17.08 ? 57  ASP A O   1 
ATOM   470 C CB  . ASP A 1 65 ? -15.463 -8.291  -1.285  1.00 20.63 ? 57  ASP A CB  1 
ATOM   471 C CG  . ASP A 1 65 ? -16.634 -8.504  -2.236  1.00 24.16 ? 57  ASP A CG  1 
ATOM   472 O OD1 . ASP A 1 65 ? -17.659 -7.789  -2.095  1.00 24.22 ? 57  ASP A OD1 1 
ATOM   473 O OD2 . ASP A 1 65 ? -16.613 -9.353  -3.157  1.00 28.07 ? 57  ASP A OD2 1 
ATOM   474 N N   . ALA A 1 66 ? -12.929 -6.198  -0.371  1.00 12.11 ? 58  ALA A N   1 
ATOM   475 C CA  . ALA A 1 66 ? -11.806 -5.939  0.533   1.00 10.17 ? 58  ALA A CA  1 
ATOM   476 C C   . ALA A 1 66 ? -12.012 -4.643  1.304   1.00 11.29 ? 58  ALA A C   1 
ATOM   477 O O   . ALA A 1 66 ? -12.827 -3.810  0.933   1.00 13.01 ? 58  ALA A O   1 
ATOM   478 C CB  . ALA A 1 66 ? -10.515 -5.866  -0.277  1.00 10.73 ? 58  ALA A CB  1 
ATOM   479 N N   . ASP A 1 67 ? -11.277 -4.480  2.393   1.00 8.86  ? 59  ASP A N   1 
ATOM   480 C CA  . ASP A 1 67 ? -11.277 -3.205  3.098   1.00 10.34 ? 59  ASP A CA  1 
ATOM   481 C C   . ASP A 1 67 ? -10.417 -2.172  2.376   1.00 9.21  ? 59  ASP A C   1 
ATOM   482 O O   . ASP A 1 67 ? -10.705 -0.971  2.449   1.00 10.49 ? 59  ASP A O   1 
ATOM   483 C CB  . ASP A 1 67 ? -10.751 -3.368  4.522   1.00 11.77 ? 59  ASP A CB  1 
ATOM   484 C CG  . ASP A 1 67 ? -11.608 -4.274  5.353   1.00 12.82 ? 59  ASP A CG  1 
ATOM   485 O OD1 . ASP A 1 67 ? -12.827 -3.985  5.481   1.00 17.27 ? 59  ASP A OD1 1 
ATOM   486 O OD2 . ASP A 1 67 ? -11.166 -5.303  5.908   1.00 13.35 ? 59  ASP A OD2 1 
ATOM   487 N N   . VAL A 1 68 ? -9.353  -2.643  1.709   1.00 8.29  ? 60  VAL A N   1 
ATOM   488 C CA  . VAL A 1 68 ? -8.341  -1.771  1.141   1.00 8.53  ? 60  VAL A CA  1 
ATOM   489 C C   . VAL A 1 68 ? -8.055  -2.239  -0.270  1.00 7.31  ? 60  VAL A C   1 
ATOM   490 O O   . VAL A 1 68 ? -7.921  -3.436  -0.508  1.00 10.77 ? 60  VAL A O   1 
ATOM   491 C CB  . VAL A 1 68 ? -6.987  -1.874  1.925   1.00 9.99  ? 60  VAL A CB  1 
ATOM   492 C CG1 . VAL A 1 68 ? -5.976  -0.845  1.419   1.00 12.69 ? 60  VAL A CG1 1 
ATOM   493 C CG2 . VAL A 1 68 ? -7.167  -1.716  3.440   1.00 16.30 ? 60  VAL A CG2 1 
ATOM   494 N N   . ASN A 1 69 ? -7.900  -1.282  -1.181  1.00 9.04  ? 61  ASN A N   1 
ATOM   495 C CA  . ASN A 1 69 ? -7.294  -1.544  -2.478  1.00 8.51  ? 61  ASN A CA  1 
ATOM   496 C C   . ASN A 1 69 ? -6.094  -0.643  -2.622  1.00 10.95 ? 61  ASN A C   1 
ATOM   497 O O   . ASN A 1 69 ? -5.986  0.399   -1.943  1.00 11.51 ? 61  ASN A O   1 
ATOM   498 C CB  . ASN A 1 69 ? -8.261  -1.229  -3.645  1.00 10.06 ? 61  ASN A CB  1 
ATOM   499 C CG  . ASN A 1 69 ? -9.381  -2.286  -3.858  1.00 11.61 ? 61  ASN A CG  1 
ATOM   500 O OD1 . ASN A 1 69 ? -10.153 -2.158  -4.816  1.00 10.98 ? 61  ASN A OD1 1 
ATOM   501 N ND2 . ASN A 1 69 ? -9.477  -3.298  -2.985  1.00 10.17 ? 61  ASN A ND2 1 
ATOM   502 N N   . ILE A 1 70 ? -5.177  -1.044  -3.498  1.00 10.18 ? 62  ILE A N   1 
ATOM   503 C CA  . ILE A 1 70 ? -3.973  -0.226  -3.743  1.00 11.38 ? 62  ILE A CA  1 
ATOM   504 C C   . ILE A 1 70 ? -3.800  0.026   -5.220  1.00 9.29  ? 62  ILE A C   1 
ATOM   505 O O   . ILE A 1 70 ? -4.378  -0.690  -6.060  1.00 10.40 ? 62  ILE A O   1 
ATOM   506 C CB  . ILE A 1 70 ? -2.679  -0.847  -3.135  1.00 13.50 ? 62  ILE A CB  1 
ATOM   507 C CG1 . ILE A 1 70 ? -2.268  -2.143  -3.862  1.00 13.78 ? 62  ILE A CG1 1 
ATOM   508 C CG2 . ILE A 1 70 ? -2.793  -1.006  -1.592  1.00 13.24 ? 62  ILE A CG2 1 
ATOM   509 C CD1 . ILE A 1 70 ? -1.308  -1.924  -5.092  1.00 14.86 ? 62  ILE A CD1 1 
ATOM   510 N N   . ALA A 1 71 ? -3.068  1.071   -5.555  1.00 9.22  ? 63  ALA A N   1 
ATOM   511 C CA  . ALA A 1 71 ? -2.713  1.343   -6.936  1.00 10.22 ? 63  ALA A CA  1 
ATOM   512 C C   . ALA A 1 71 ? -1.294  1.823   -6.963  1.00 8.51  ? 63  ALA A C   1 
ATOM   513 O O   . ALA A 1 71 ? -0.832  2.542   -6.056  1.00 8.96  ? 63  ALA A O   1 
ATOM   514 C CB  . ALA A 1 71 ? -3.650  2.386   -7.568  1.00 10.27 ? 63  ALA A CB  1 
ATOM   515 N N   . VAL A 1 72 ? -0.562  1.414   -7.985  1.00 8.81  ? 64  VAL A N   1 
ATOM   516 C CA  . VAL A 1 72 ? 0.813   1.850   -8.181  1.00 8.84  ? 64  VAL A CA  1 
ATOM   517 C C   . VAL A 1 72 ? 0.881   2.775   -9.375  1.00 8.64  ? 64  VAL A C   1 
ATOM   518 O O   . VAL A 1 72 ? 0.553   2.350   -10.502 1.00 9.25  ? 64  VAL A O   1 
ATOM   519 C CB  . VAL A 1 72 ? 1.765   0.664   -8.397  1.00 7.82  ? 64  VAL A CB  1 
ATOM   520 C CG1 . VAL A 1 72 ? 3.203   1.181   -8.646  1.00 11.22 ? 64  VAL A CG1 1 
ATOM   521 C CG2 . VAL A 1 72 ? 1.725   -0.288  -7.191  1.00 11.46 ? 64  VAL A CG2 1 
ATOM   522 N N   . ASN A 1 73 ? 1.296   4.021   -9.151  1.00 8.07  ? 65  ASN A N   1 
ATOM   523 C CA  . ASN A 1 73 ? 1.278   5.061   -10.187 1.00 8.98  ? 65  ASN A CA  1 
ATOM   524 C C   . ASN A 1 73 ? -0.060  5.083   -10.941 1.00 9.23  ? 65  ASN A C   1 
ATOM   525 O O   . ASN A 1 73 ? -0.105  5.193   -12.181 1.00 10.71 ? 65  ASN A O   1 
ATOM   526 C CB  . ASN A 1 73 ? 2.457   4.868   -11.146 1.00 9.40  ? 65  ASN A CB  1 
ATOM   527 C CG  . ASN A 1 73 ? 3.767   4.888   -10.427 1.00 9.67  ? 65  ASN A CG  1 
ATOM   528 O OD1 . ASN A 1 73 ? 3.947   5.684   -9.499  1.00 11.12 ? 65  ASN A OD1 1 
ATOM   529 N ND2 . ASN A 1 73 ? 4.678   4.023   -10.816 1.00 10.56 ? 65  ASN A ND2 1 
ATOM   530 N N   . GLY A 1 74 ? -1.145  4.983   -10.185 1.00 10.30 ? 66  GLY A N   1 
ATOM   531 C CA  . GLY A 1 74 ? -2.475  5.109   -10.743 1.00 10.72 ? 66  GLY A CA  1 
ATOM   532 C C   . GLY A 1 74 ? -3.028  3.852   -11.365 1.00 12.20 ? 66  GLY A C   1 
ATOM   533 O O   . GLY A 1 74 ? -4.080  3.934   -11.997 1.00 13.45 ? 66  GLY A O   1 
ATOM   534 N N   . ARG A 1 75 ? -2.360  2.706   -11.197 1.00 9.64  ? 67  ARG A N   1 
ATOM   535 C CA  . ARG A 1 75 ? -2.792  1.464   -11.851 1.00 11.17 ? 67  ARG A CA  1 
ATOM   536 C C   . ARG A 1 75 ? -3.024  0.334   -10.868 1.00 9.66  ? 67  ARG A C   1 
ATOM   537 O O   . ARG A 1 75 ? -2.254  0.177   -9.914  1.00 10.60 ? 67  ARG A O   1 
ATOM   538 C CB  . ARG A 1 75 ? -1.748  1.013   -12.879 1.00 15.12 ? 67  ARG A CB  1 
ATOM   539 C CG  . ARG A 1 75 ? -1.472  1.982   -14.004 1.00 21.76 ? 67  ARG A CG  1 
ATOM   540 C CD  . ARG A 1 75 ? -0.201  1.645   -14.794 1.00 28.39 ? 67  ARG A CD  1 
ATOM   541 N NE  . ARG A 1 75 ? -0.342  0.391   -15.550 1.00 34.94 ? 67  ARG A NE  1 
ATOM   542 C CZ  . ARG A 1 75 ? 0.193   -0.791  -15.202 1.00 36.57 ? 67  ARG A CZ  1 
ATOM   543 N NH1 . ARG A 1 75 ? 0.930   -0.916  -14.105 1.00 34.84 ? 67  ARG A NH1 1 
ATOM   544 N NH2 . ARG A 1 75 ? -0.012  -1.856  -15.965 1.00 37.68 ? 67  ARG A NH2 1 
ATOM   545 N N   . TYR A 1 76 ? -4.070  -0.453  -11.063 1.00 12.30 ? 68  TYR A N   1 
ATOM   546 C CA  . TYR A 1 76 ? -4.239  -1.675  -10.299 1.00 11.30 ? 68  TYR A CA  1 
ATOM   547 C C   . TYR A 1 76 ? -3.216  -2.683  -10.802 1.00 14.40 ? 68  TYR A C   1 
ATOM   548 O O   . TYR A 1 76 ? -2.979  -2.815  -12.032 1.00 16.72 ? 68  TYR A O   1 
ATOM   549 C CB  . TYR A 1 76 ? -5.665  -2.243  -10.464 1.00 10.82 ? 68  TYR A CB  1 
ATOM   550 C CG  . TYR A 1 76 ? -6.751  -1.380  -9.861  1.00 12.68 ? 68  TYR A CG  1 
ATOM   551 C CD1 . TYR A 1 76 ? -6.836  -1.193  -8.473  1.00 12.19 ? 68  TYR A CD1 1 
ATOM   552 C CD2 . TYR A 1 76 ? -7.701  -0.754  -10.676 1.00 13.64 ? 68  TYR A CD2 1 
ATOM   553 C CE1 . TYR A 1 76 ? -7.833  -0.400  -7.912  1.00 12.24 ? 68  TYR A CE1 1 
ATOM   554 C CE2 . TYR A 1 76 ? -8.698  0.050   -10.126 1.00 13.00 ? 68  TYR A CE2 1 
ATOM   555 C CZ  . TYR A 1 76 ? -8.765  0.218   -8.746  1.00 14.04 ? 68  TYR A CZ  1 
ATOM   556 O OH  . TYR A 1 76 ? -9.757  1.019   -8.201  1.00 12.86 ? 68  TYR A OH  1 
ATOM   557 N N   . VAL A 1 77 ? -2.601  -3.381  -9.853  1.00 12.43 ? 69  VAL A N   1 
ATOM   558 C CA  . VAL A 1 77 ? -1.551  -4.348  -10.167 1.00 14.58 ? 69  VAL A CA  1 
ATOM   559 C C   . VAL A 1 77 ? -1.674  -5.584  -9.280  1.00 11.55 ? 69  VAL A C   1 
ATOM   560 O O   . VAL A 1 77 ? -2.445  -5.608  -8.309  1.00 16.58 ? 69  VAL A O   1 
ATOM   561 C CB  . VAL A 1 77 ? -0.132  -3.757  -9.980  1.00 16.48 ? 69  VAL A CB  1 
ATOM   562 C CG1 . VAL A 1 77 ? 0.141   -2.605  -10.946 1.00 15.57 ? 69  VAL A CG1 1 
ATOM   563 C CG2 . VAL A 1 77 ? 0.056   -3.316  -8.539  1.00 14.80 ? 69  VAL A CG2 1 
ATOM   564 N N   . SER A 1 78 ? -0.888  -6.611  -9.616  1.00 12.64 ? 70  SER A N   1 
ATOM   565 C CA  . SER A 1 78 ? -0.885  -7.827  -8.829  1.00 12.94 ? 70  SER A CA  1 
ATOM   566 C C   . SER A 1 78 ? -0.045  -7.662  -7.551  1.00 11.98 ? 70  SER A C   1 
ATOM   567 O O   . SER A 1 78 ? 0.771   -6.729  -7.430  1.00 13.10 ? 70  SER A O   1 
ATOM   568 C CB  . SER A 1 78 ? -0.356  -8.979  -9.659  1.00 16.44 ? 70  SER A CB  1 
ATOM   569 O OG  . SER A 1 78 ? 1.036   -9.008  -9.614  1.00 17.81 ? 70  SER A OG  1 
ATOM   570 N N   . TRP A 1 79 ? -0.233  -8.579  -6.607  1.00 9.66  ? 71  TRP A N   1 
ATOM   571 C CA  . TRP A 1 79 ? 0.586   -8.536  -5.392  1.00 9.21  ? 71  TRP A CA  1 
ATOM   572 C C   . TRP A 1 79 ? 2.044   -8.849  -5.658  1.00 10.25 ? 71  TRP A C   1 
ATOM   573 O O   . TRP A 1 79 ? 2.902   -8.509  -4.866  1.00 9.56  ? 71  TRP A O   1 
ATOM   574 C CB  . TRP A 1 79 ? 0.064   -9.481  -4.319  1.00 10.58 ? 71  TRP A CB  1 
ATOM   575 C CG  . TRP A 1 79 ? -1.152  -8.962  -3.567  1.00 13.28 ? 71  TRP A CG  1 
ATOM   576 C CD1 . TRP A 1 79 ? -1.656  -7.691  -3.601  1.00 15.22 ? 71  TRP A CD1 1 
ATOM   577 C CD2 . TRP A 1 79 ? -1.993  -9.700  -2.676  1.00 19.47 ? 71  TRP A CD2 1 
ATOM   578 N NE1 . TRP A 1 79 ? -2.757  -7.592  -2.779  1.00 15.77 ? 71  TRP A NE1 1 
ATOM   579 C CE2 . TRP A 1 79 ? -2.988  -8.811  -2.200  1.00 18.65 ? 71  TRP A CE2 1 
ATOM   580 C CE3 . TRP A 1 79 ? -2.010  -11.027 -2.225  1.00 23.51 ? 71  TRP A CE3 1 
ATOM   581 C CZ2 . TRP A 1 79 ? -3.989  -9.210  -1.303  1.00 22.30 ? 71  TRP A CZ2 1 
ATOM   582 C CZ3 . TRP A 1 79 ? -3.016  -11.424 -1.327  1.00 25.91 ? 71  TRP A CZ3 1 
ATOM   583 C CH2 . TRP A 1 79 ? -3.987  -10.514 -0.882  1.00 24.58 ? 71  TRP A CH2 1 
ATOM   584 N N   . ASP A 1 80 ? 2.344   -9.494  -6.777  1.00 8.27  ? 72  ASP A N   1 
ATOM   585 C CA  . ASP A 1 80 ? 3.722   -9.827  -7.083  1.00 6.98  ? 72  ASP A CA  1 
ATOM   586 C C   . ASP A 1 80 ? 4.395   -8.840  -8.008  1.00 6.30  ? 72  ASP A C   1 
ATOM   587 O O   . ASP A 1 80 ? 5.547   -9.023  -8.390  1.00 9.59  ? 72  ASP A O   1 
ATOM   588 C CB  . ASP A 1 80 ? 3.848   -11.276 -7.541  1.00 7.08  ? 72  ASP A CB  1 
ATOM   589 C CG  . ASP A 1 80 ? 3.524   -12.206 -6.433  1.00 9.64  ? 72  ASP A CG  1 
ATOM   590 O OD1 . ASP A 1 80 ? 4.335   -12.243 -5.468  1.00 8.90  ? 72  ASP A OD1 1 
ATOM   591 O OD2 . ASP A 1 80 ? 2.456   -12.868 -6.403  1.00 11.22 ? 72  ASP A OD2 1 
ATOM   592 N N   . GLU A 1 81 ? 3.702   -7.724  -8.273  1.00 8.87  ? 73  GLU A N   1 
ATOM   593 C CA  . GLU A 1 81 ? 4.275   -6.649  -9.075  1.00 9.60  ? 73  GLU A CA  1 
ATOM   594 C C   . GLU A 1 81 ? 5.503   -6.093  -8.368  1.00 8.41  ? 73  GLU A C   1 
ATOM   595 O O   . GLU A 1 81 ? 5.439   -5.769  -7.169  1.00 9.40  ? 73  GLU A O   1 
ATOM   596 C CB  . GLU A 1 81 ? 3.223   -5.556  -9.277  1.00 11.65 ? 73  GLU A CB  1 
ATOM   597 C CG  . GLU A 1 81 ? 3.692   -4.384  -10.112 1.00 13.02 ? 73  GLU A CG  1 
ATOM   598 C CD  . GLU A 1 81 ? 3.646   -4.632  -11.610 1.00 19.78 ? 73  GLU A CD  1 
ATOM   599 O OE1 . GLU A 1 81 ? 3.166   -5.710  -12.058 1.00 20.41 ? 73  GLU A OE1 1 
ATOM   600 O OE2 . GLU A 1 81 ? 4.115   -3.734  -12.349 1.00 21.62 ? 73  GLU A OE2 1 
ATOM   601 N N   . GLU A 1 82 ? 6.600   -5.977  -9.101  1.00 10.63 ? 74  GLU A N   1 
ATOM   602 C CA  . GLU A 1 82 ? 7.844   -5.482  -8.549  1.00 10.30 ? 74  GLU A CA  1 
ATOM   603 C C   . GLU A 1 82 ? 7.796   -3.956  -8.461  1.00 10.07 ? 74  GLU A C   1 
ATOM   604 O O   . GLU A 1 82 ? 7.459   -3.282  -9.438  1.00 12.57 ? 74  GLU A O   1 
ATOM   605 C CB  . GLU A 1 82 ? 9.054   -6.039  -9.342  1.00 16.39 ? 74  GLU A CB  1 
ATOM   606 C CG  . GLU A 1 82 ? 9.167   -7.569  -9.104  1.00 22.09 ? 74  GLU A CG  1 
ATOM   607 C CD  . GLU A 1 82 ? 9.883   -8.384  -10.181 1.00 26.57 ? 74  GLU A CD  1 
ATOM   608 O OE1 . GLU A 1 82 ? 10.710  -7.812  -10.926 1.00 28.17 ? 74  GLU A OE1 1 
ATOM   609 O OE2 . GLU A 1 82 ? 9.625   -9.632  -10.256 1.00 23.77 ? 74  GLU A OE2 1 
ATOM   610 N N   . LEU A 1 83 ? 8.095   -3.427  -7.272  1.00 9.63  ? 75  LEU A N   1 
ATOM   611 C CA  . LEU A 1 83 ? 8.153   -1.979  -7.074  1.00 10.02 ? 75  LEU A CA  1 
ATOM   612 C C   . LEU A 1 83 ? 9.458   -1.383  -7.562  1.00 11.14 ? 75  LEU A C   1 
ATOM   613 O O   . LEU A 1 83 ? 10.501  -2.033  -7.521  1.00 10.65 ? 75  LEU A O   1 
ATOM   614 C CB  . LEU A 1 83 ? 7.951   -1.684  -5.603  1.00 9.64  ? 75  LEU A CB  1 
ATOM   615 C CG  . LEU A 1 83 ? 6.549   -2.066  -5.109  1.00 10.20 ? 75  LEU A CG  1 
ATOM   616 C CD1 . LEU A 1 83 ? 6.507   -2.091  -3.587  1.00 12.41 ? 75  LEU A CD1 1 
ATOM   617 C CD2 . LEU A 1 83 ? 5.497   -1.099  -5.652  1.00 13.76 ? 75  LEU A CD2 1 
ATOM   618 N N   . LYS A 1 84 ? 9.368   -0.146  -8.073  1.00 9.20  ? 76  LYS A N   1 
ATOM   619 C CA  . LYS A 1 84 ? 10.522  0.597   -8.565  1.00 8.23  ? 76  LYS A CA  1 
ATOM   620 C C   . LYS A 1 84 ? 10.728  1.831   -7.726  1.00 6.99  ? 76  LYS A C   1 
ATOM   621 O O   . LYS A 1 84 ? 9.758   2.397   -7.176  1.00 7.89  ? 76  LYS A O   1 
ATOM   622 C CB  . LYS A 1 84 ? 10.321  0.975   -10.046 1.00 8.43  ? 76  LYS A CB  1 
ATOM   623 C CG  . LYS A 1 84 ? 10.265  -0.230  -11.018 1.00 12.10 ? 76  LYS A CG  1 
ATOM   624 C CD  . LYS A 1 84 ? 9.850   0.222   -12.402 1.00 17.57 ? 76  LYS A CD  1 
ATOM   625 N N   . ASP A 1 85 ? 11.988  2.280   -7.656  1.00 7.54  ? 77  ASP A N   1 
ATOM   626 C CA  . ASP A 1 85 ? 12.322  3.451   -6.883  1.00 7.67  ? 77  ASP A CA  1 
ATOM   627 C C   . ASP A 1 85 ? 11.499  4.661   -7.386  1.00 8.42  ? 77  ASP A C   1 
ATOM   628 O O   . ASP A 1 85 ? 11.427  4.927   -8.595  1.00 8.38  ? 77  ASP A O   1 
ATOM   629 C CB  . ASP A 1 85 ? 13.826  3.684   -7.063  1.00 10.16 ? 77  ASP A CB  1 
ATOM   630 C CG  . ASP A 1 85 ? 14.443  4.531   -6.002  1.00 12.75 ? 77  ASP A CG  1 
ATOM   631 O OD1 . ASP A 1 85 ? 13.858  4.797   -4.924  1.00 12.92 ? 77  ASP A OD1 1 
ATOM   632 O OD2 . ASP A 1 85 ? 15.579  5.006   -6.220  1.00 17.08 ? 77  ASP A OD2 1 
ATOM   633 N N   . GLY A 1 86 ? 10.820  5.338   -6.475  1.00 7.14  ? 78  GLY A N   1 
ATOM   634 C CA  . GLY A 1 86 ? 10.014  6.486   -6.815  1.00 7.39  ? 78  GLY A CA  1 
ATOM   635 C C   . GLY A 1 86 ? 8.541   6.173   -7.089  1.00 5.77  ? 78  GLY A C   1 
ATOM   636 O O   . GLY A 1 86 ? 7.750   7.089   -7.271  1.00 7.62  ? 78  GLY A O   1 
ATOM   637 N N   . ASP A 1 87 ? 8.152   4.897   -7.078  1.00 7.04  ? 79  ASP A N   1 
ATOM   638 C CA  . ASP A 1 87 ? 6.741   4.574   -7.319  1.00 6.59  ? 79  ASP A CA  1 
ATOM   639 C C   . ASP A 1 87 ? 5.858   5.223   -6.266  1.00 7.21  ? 79  ASP A C   1 
ATOM   640 O O   . ASP A 1 87 ? 6.264   5.347   -5.088  1.00 7.89  ? 79  ASP A O   1 
ATOM   641 C CB  . ASP A 1 87 ? 6.498   3.060   -7.203  1.00 7.34  ? 79  ASP A CB  1 
ATOM   642 C CG  . ASP A 1 87 ? 6.820   2.287   -8.455  1.00 10.21 ? 79  ASP A CG  1 
ATOM   643 O OD1 . ASP A 1 87 ? 6.984   2.882   -9.562  1.00 9.80  ? 79  ASP A OD1 1 
ATOM   644 O OD2 . ASP A 1 87 ? 6.906   1.034   -8.427  1.00 11.98 ? 79  ASP A OD2 1 
ATOM   645 N N   . VAL A 1 88 ? 4.651   5.595   -6.661  1.00 7.53  ? 80  VAL A N   1 
ATOM   646 C CA  . VAL A 1 88 ? 3.661   6.170   -5.756  1.00 7.37  ? 80  VAL A CA  1 
ATOM   647 C C   . VAL A 1 88 ? 2.544   5.162   -5.565  1.00 9.42  ? 80  VAL A C   1 
ATOM   648 O O   . VAL A 1 88 ? 1.927   4.718   -6.529  1.00 8.97  ? 80  VAL A O   1 
ATOM   649 C CB  . VAL A 1 88 ? 3.078   7.487   -6.308  1.00 8.40  ? 80  VAL A CB  1 
ATOM   650 C CG1 . VAL A 1 88 ? 2.038   8.041   -5.337  1.00 11.74 ? 80  VAL A CG1 1 
ATOM   651 C CG2 . VAL A 1 88 ? 4.199   8.526   -6.504  1.00 9.70  ? 80  VAL A CG2 1 
ATOM   652 N N   . VAL A 1 89 ? 2.287   4.766   -4.326  1.00 8.55  ? 81  VAL A N   1 
ATOM   653 C CA  . VAL A 1 89 ? 1.303   3.736   -4.045  1.00 6.49  ? 81  VAL A CA  1 
ATOM   654 C C   . VAL A 1 89 ? 0.160   4.304   -3.240  1.00 7.89  ? 81  VAL A C   1 
ATOM   655 O O   . VAL A 1 89 ? 0.375   4.775   -2.113  1.00 8.93  ? 81  VAL A O   1 
ATOM   656 C CB  . VAL A 1 89 ? 1.954   2.533   -3.317  1.00 7.03  ? 81  VAL A CB  1 
ATOM   657 C CG1 . VAL A 1 89 ? 0.939   1.429   -3.109  1.00 12.00 ? 81  VAL A CG1 1 
ATOM   658 C CG2 . VAL A 1 89 ? 3.127   1.992   -4.113  1.00 11.69 ? 81  VAL A CG2 1 
ATOM   659 N N   . GLY A 1 90 ? -1.056  4.278   -3.784  1.00 8.09  ? 82  GLY A N   1 
ATOM   660 C CA  . GLY A 1 90 ? -2.225  4.727   -3.057  1.00 9.02  ? 82  GLY A CA  1 
ATOM   661 C C   . GLY A 1 90 ? -2.808  3.566   -2.266  1.00 9.67  ? 82  GLY A C   1 
ATOM   662 O O   . GLY A 1 90 ? -2.781  2.407   -2.709  1.00 9.19  ? 82  GLY A O   1 
ATOM   663 N N   . VAL A 1 91 ? -3.327  3.905   -1.081  1.00 7.80  ? 83  VAL A N   1 
ATOM   664 C CA  . VAL A 1 91 ? -3.941  2.965   -0.147  1.00 9.07  ? 83  VAL A CA  1 
ATOM   665 C C   . VAL A 1 91 ? -5.293  3.538   0.215   1.00 8.72  ? 83  VAL A C   1 
ATOM   666 O O   . VAL A 1 91 ? -5.374  4.563   0.899   1.00 9.12  ? 83  VAL A O   1 
ATOM   667 C CB  . VAL A 1 91 ? -3.053  2.789   1.113   1.00 7.48  ? 83  VAL A CB  1 
ATOM   668 C CG1 . VAL A 1 91 ? -3.733  1.883   2.131   1.00 10.49 ? 83  VAL A CG1 1 
ATOM   669 C CG2 . VAL A 1 91 ? -1.698  2.186   0.722   1.00 8.77  ? 83  VAL A CG2 1 
ATOM   670 N N   . PHE A 1 92 ? -6.376  2.907   -0.263  1.00 8.33  ? 84  PHE A N   1 
ATOM   671 C CA  . PHE A 1 92 ? -7.691  3.552   -0.232  1.00 8.16  ? 84  PHE A CA  1 
ATOM   672 C C   . PHE A 1 92 ? -8.824  2.549   -0.078  1.00 9.34  ? 84  PHE A C   1 
ATOM   673 O O   . PHE A 1 92 ? -8.673  1.371   -0.433  1.00 9.64  ? 84  PHE A O   1 
ATOM   674 C CB  . PHE A 1 92 ? -7.920  4.360   -1.549  1.00 9.36  ? 84  PHE A CB  1 
ATOM   675 C CG  . PHE A 1 92 ? -7.520  3.619   -2.805  1.00 8.22  ? 84  PHE A CG  1 
ATOM   676 C CD1 . PHE A 1 92 ? -8.429  2.791   -3.482  1.00 9.19  ? 84  PHE A CD1 1 
ATOM   677 C CD2 . PHE A 1 92 ? -6.223  3.760   -3.312  1.00 9.34  ? 84  PHE A CD2 1 
ATOM   678 C CE1 . PHE A 1 92 ? -8.014  2.105   -4.652  1.00 8.38  ? 84  PHE A CE1 1 
ATOM   679 C CE2 . PHE A 1 92 ? -5.814  3.084   -4.431  1.00 8.41  ? 84  PHE A CE2 1 
ATOM   680 C CZ  . PHE A 1 92 ? -6.710  2.253   -5.125  1.00 8.36  ? 84  PHE A CZ  1 
ATOM   681 N N   . PRO A 1 93 ? -9.987  3.001   0.389   1.00 8.73  ? 85  PRO A N   1 
ATOM   682 C CA  . PRO A 1 93 ? -11.159 2.113   0.360   1.00 10.56 ? 85  PRO A CA  1 
ATOM   683 C C   . PRO A 1 93 ? -11.534 1.817   -1.093  1.00 10.77 ? 85  PRO A C   1 
ATOM   684 O O   . PRO A 1 93 ? -11.354 2.687   -1.936  1.00 12.09 ? 85  PRO A O   1 
ATOM   685 C CB  . PRO A 1 93 ? -12.244 2.921   1.070   1.00 11.24 ? 85  PRO A CB  1 
ATOM   686 C CG  . PRO A 1 93 ? -11.786 4.330   1.074   1.00 15.68 ? 85  PRO A CG  1 
ATOM   687 C CD  . PRO A 1 93 ? -10.302 4.352   0.902   1.00 9.90  ? 85  PRO A CD  1 
ATOM   688 N N   . PRO A 1 94 ? -12.017 0.616   -1.402  1.00 11.38 ? 86  PRO A N   1 
ATOM   689 C CA  . PRO A 1 94 ? -12.354 0.313   -2.795  1.00 13.47 ? 86  PRO A CA  1 
ATOM   690 C C   . PRO A 1 94 ? -13.296 1.361   -3.382  1.00 16.13 ? 86  PRO A C   1 
ATOM   691 O O   . PRO A 1 94 ? -14.271 1.788   -2.715  1.00 14.56 ? 86  PRO A O   1 
ATOM   692 C CB  . PRO A 1 94 ? -13.031 -1.057  -2.718  1.00 13.30 ? 86  PRO A CB  1 
ATOM   693 C CG  . PRO A 1 94 ? -12.465 -1.673  -1.486  1.00 17.69 ? 86  PRO A CG  1 
ATOM   694 C CD  . PRO A 1 94 ? -12.265 -0.530  -0.498  1.00 12.75 ? 86  PRO A CD  1 
ATOM   695 N N   . VAL A 1 95 ? -12.983 1.776   -4.614  1.00 18.17 ? 87  VAL A N   1 
ATOM   696 C CA  . VAL A 1 95 ? -13.757 2.782   -5.347  1.00 21.53 ? 87  VAL A CA  1 
ATOM   697 C C   . VAL A 1 95 ? -15.150 2.233   -5.648  1.00 23.70 ? 87  VAL A C   1 
ATOM   698 O O   . VAL A 1 95 ? -15.291 1.092   -6.098  1.00 22.17 ? 87  VAL A O   1 
ATOM   699 C CB  . VAL A 1 95 ? -13.029 3.217   -6.661  1.00 21.16 ? 87  VAL A CB  1 
ATOM   700 C CG1 . VAL A 1 95 ? -13.940 4.072   -7.563  1.00 24.16 ? 87  VAL A CG1 1 
ATOM   701 C CG2 . VAL A 1 95 ? -11.720 3.959   -6.348  1.00 22.22 ? 87  VAL A CG2 1 
ATOM   702 N N   . SER A 1 96 ? -16.172 3.040   -5.371  1.00 29.50 ? 88  SER A N   1 
HETATM 703 O O   . HOH B 2 .  ? 5.343   2.892   13.038  1.00 14.65 ? 91  HOH A O   1 
HETATM 704 O O   . HOH B 2 .  ? 9.923   -10.427 1.043   1.00 18.57 ? 92  HOH A O   1 
HETATM 705 O O   . HOH B 2 .  ? -13.882 2.677   4.420   1.00 18.55 ? 93  HOH A O   1 
HETATM 706 O O   . HOH B 2 .  ? -0.775  5.555   -7.321  1.00 19.03 ? 94  HOH A O   1 
HETATM 707 O O   . HOH B 2 .  ? 7.922   -6.521  4.002   1.00 16.77 ? 95  HOH A O   1 
HETATM 708 O O   . HOH B 2 .  ? 14.130  0.617   -8.718  1.00 20.50 ? 96  HOH A O   1 
HETATM 709 O O   . HOH B 2 .  ? 1.109   -9.007  1.854   1.00 18.19 ? 97  HOH A O   1 
HETATM 710 O O   . HOH B 2 .  ? 10.971  -9.781  -6.489  1.00 17.35 ? 98  HOH A O   1 
HETATM 711 O O   . HOH B 2 .  ? 1.416   -16.815 -4.579  1.00 18.99 ? 99  HOH A O   1 
HETATM 712 O O   . HOH B 2 .  ? 7.150   -10.839 -9.599  1.00 21.59 ? 100 HOH A O   1 
HETATM 713 O O   . HOH B 2 .  ? 6.669   -7.080  -11.892 1.00 22.98 ? 101 HOH A O   1 
HETATM 714 O O   . HOH B 2 .  ? 8.015   -5.644  6.685   1.00 21.27 ? 102 HOH A O   1 
HETATM 715 O O   . HOH B 2 .  ? -12.856 5.440   4.544   1.00 20.11 ? 103 HOH A O   1 
HETATM 716 O O   . HOH B 2 .  ? 10.716  7.863   -3.763  1.00 20.90 ? 104 HOH A O   1 
HETATM 717 O O   . HOH B 2 .  ? 2.003   0.632   -12.218 1.00 23.80 ? 105 HOH A O   1 
HETATM 718 O O   . HOH B 2 .  ? 3.423   -7.505  8.585   1.00 26.00 ? 106 HOH A O   1 
HETATM 719 O O   . HOH B 2 .  ? 6.229   -0.821  -10.114 1.00 20.48 ? 107 HOH A O   1 
HETATM 720 O O   . HOH B 2 .  ? 6.785   1.671   -12.033 1.00 23.53 ? 108 HOH A O   1 
HETATM 721 O O   . HOH B 2 .  ? 6.117   -9.851  2.314   1.00 22.21 ? 109 HOH A O   1 
HETATM 722 O O   . HOH B 2 .  ? 11.358  -4.617  -7.064  1.00 21.72 ? 110 HOH A O   1 
HETATM 723 O O   . HOH B 2 .  ? 1.940   -15.484 -6.854  1.00 21.43 ? 111 HOH A O   1 
HETATM 724 O O   . HOH B 2 .  ? -1.776  1.553   13.429  1.00 25.56 ? 112 HOH A O   1 
HETATM 725 O O   . HOH B 2 .  ? 2.079   7.768   11.912  1.00 27.46 ? 113 HOH A O   1 
HETATM 726 O O   . HOH B 2 .  ? 16.309  1.445   4.164   1.00 20.68 ? 114 HOH A O   1 
HETATM 727 O O   . HOH B 2 .  ? 3.814   -1.198  -11.361 1.00 28.23 ? 115 HOH A O   1 
HETATM 728 O O   . HOH B 2 .  ? 13.168  -2.123  -8.530  1.00 22.96 ? 116 HOH A O   1 
HETATM 729 O O   . HOH B 2 .  ? 13.470  7.738   4.140   1.00 23.15 ? 117 HOH A O   1 
HETATM 730 O O   . HOH B 2 .  ? 12.516  -6.151  -8.910  1.00 25.13 ? 118 HOH A O   1 
HETATM 731 O O   . HOH B 2 .  ? 18.363  -3.813  -0.536  1.00 27.87 ? 119 HOH A O   1 
HETATM 732 O O   . HOH B 2 .  ? 5.209   10.971  6.343   1.00 24.26 ? 120 HOH A O   1 
HETATM 733 O O   . HOH B 2 .  ? -2.707  11.308  0.758   1.00 25.67 ? 121 HOH A O   1 
HETATM 734 O O   . HOH B 2 .  ? -5.503  0.059   -13.659 1.00 25.81 ? 122 HOH A O   1 
HETATM 735 O O   . HOH B 2 .  ? -3.315  5.953   -6.051  1.00 22.18 ? 123 HOH A O   1 
HETATM 736 O O   . HOH B 2 .  ? -8.956  11.202  1.447   1.00 26.52 ? 124 HOH A O   1 
HETATM 737 O O   . HOH B 2 .  ? -8.652  -9.623  -3.914  1.00 27.05 ? 125 HOH A O   1 
HETATM 738 O O   . HOH B 2 .  ? 12.495  -7.435  -1.235  1.00 31.65 ? 126 HOH A O   1 
HETATM 739 O O   . HOH B 2 .  ? -9.658  11.037  6.552   1.00 24.94 ? 127 HOH A O   1 
HETATM 740 O O   . HOH B 2 .  ? 1.549   13.520  5.611   1.00 25.29 ? 128 HOH A O   1 
HETATM 741 O O   . HOH B 2 .  ? 6.746   -9.839  6.873   1.00 29.80 ? 129 HOH A O   1 
HETATM 742 O O   . HOH B 2 .  ? -7.710  -10.391 -0.167  1.00 32.37 ? 130 HOH A O   1 
HETATM 743 O O   . HOH B 2 .  ? -8.393  -1.429  11.913  1.00 25.26 ? 131 HOH A O   1 
HETATM 744 O O   . HOH B 2 .  ? 7.616   -9.204  4.479   1.00 22.40 ? 132 HOH A O   1 
HETATM 745 O O   . HOH B 2 .  ? 10.412  -6.078  2.853   1.00 23.50 ? 133 HOH A O   1 
HETATM 746 O O   . HOH B 2 .  ? 11.417  -8.013  1.210   1.00 24.54 ? 134 HOH A O   1 
HETATM 747 O O   . HOH B 2 .  ? 6.763   -7.535  8.358   1.00 32.10 ? 135 HOH A O   1 
HETATM 748 O O   . HOH B 2 .  ? -1.171  -13.989 -1.098  1.00 32.26 ? 136 HOH A O   1 
HETATM 749 O O   . HOH B 2 .  ? 13.275  7.502   -4.504  1.00 30.11 ? 137 HOH A O   1 
HETATM 750 O O   . HOH B 2 .  ? 7.337   -3.333  -12.120 1.00 28.73 ? 138 HOH A O   1 
HETATM 751 O O   . HOH B 2 .  ? 4.204   2.232   -13.032 1.00 22.99 ? 139 HOH A O   1 
HETATM 752 O O   . HOH B 2 .  ? -10.862 2.519   -10.035 1.00 33.93 ? 140 HOH A O   1 
HETATM 753 O O   . HOH B 2 .  ? -0.263  13.939  7.527   1.00 29.83 ? 141 HOH A O   1 
HETATM 754 O O   . HOH B 2 .  ? -11.604 5.398   -2.448  1.00 31.12 ? 142 HOH A O   1 
HETATM 755 O O   . HOH B 2 .  ? 3.340   8.583   -10.064 1.00 30.22 ? 143 HOH A O   1 
HETATM 756 O O   . HOH B 2 .  ? 0.486   -6.517  -12.108 1.00 32.56 ? 144 HOH A O   1 
HETATM 757 O O   . HOH B 2 .  ? -1.366  -14.022 -4.145  1.00 32.42 ? 145 HOH A O   1 
HETATM 758 O O   . HOH B 2 .  ? 11.185  -11.678 -9.184  1.00 28.99 ? 146 HOH A O   1 
HETATM 759 O O   . HOH B 2 .  ? -2.814  -9.319  7.784   1.00 31.80 ? 147 HOH A O   1 
HETATM 760 O O   . HOH B 2 .  ? -0.126  13.526  10.441  1.00 33.91 ? 148 HOH A O   1 
HETATM 761 O O   . HOH B 2 .  ? -5.736  -3.715  -4.428  1.00 20.19 ? 149 HOH A O   1 
HETATM 762 O O   . HOH B 2 .  ? -3.917  -3.005  -7.219  1.00 21.93 ? 150 HOH A O   1 
HETATM 763 O O   . HOH B 2 .  ? -2.895  -5.277  -5.677  1.00 19.89 ? 151 HOH A O   1 
HETATM 764 O O   . HOH B 2 .  ? -10.741 0.403   -5.748  1.00 22.22 ? 152 HOH A O   1 
HETATM 765 O O   . HOH B 2 .  ? 16.540  -8.096  -1.221  1.00 31.55 ? 153 HOH A O   1 
HETATM 766 O O   . HOH B 2 .  ? 18.373  0.963   5.714   1.00 32.56 ? 154 HOH A O   1 
HETATM 767 O O   . HOH B 2 .  ? 4.207   4.855   -14.653 1.00 23.43 ? 155 HOH A O   1 
HETATM 768 O O   . HOH B 2 .  ? -0.470  8.217   -8.109  1.00 32.44 ? 156 HOH A O   1 
HETATM 769 O O   . HOH B 2 .  ? -3.333  11.581  8.908   1.00 26.67 ? 157 HOH A O   1 
# 
